data_7QY5
#
_entry.id   7QY5
#
_cell.length_a   64.670
_cell.length_b   128.281
_cell.length_c   89.261
_cell.angle_alpha   90.000
_cell.angle_beta   108.080
_cell.angle_gamma   90.000
#
_symmetry.space_group_name_H-M   'P 1 21 1'
#
loop_
_entity.id
_entity.type
_entity.pdbx_description
1 polymer 'NURS complex subunit pir2'
2 polymer 'RNA elimination defective protein Red1'
3 polymer 'NURS complex subunit pir2'
4 non-polymer 'ZINC ION'
#
loop_
_entity_poly.entity_id
_entity_poly.type
_entity_poly.pdbx_seq_one_letter_code
_entity_poly.pdbx_strand_id
1 'polypeptide(L)'
;GAMEPLIDPYTQTNAVSYERFIRWYSKENHISATTEDLYNSLHGTYNNYKQDLYARTARSFVESHCDEAWFEDSYWVDES
QGRVLEVSENEKSYRRALYDKFMDRLDAGYYDDFQLPTAE
;
A,C
2 'polypeptide(L)' KNEEDESNDSDKEDGEISEDD F,G
3 'polypeptide(L)'
;MEMPQLSKWNQDSRNDAMENTLLVSHVLPNISVAQIHNALDGISFVQHFSLSTINLIKNDERSLWVHFKAGTNMDGAKEA
VDGIQLDSNFTIESENPKIPTHTHPIPIFEIASSEQTCKNLLEKLIRFIDRASTKYSLPNDAAQRIEDRLKTHASMKDDD
DKPTNFHDIRLSDLYAEYLRQVATFDFWTSKEYESLIALLQDSPAGYSRKKFNPSKEVGQEENIWLSDLENNFACLLEPE
NVDIKAKGALPVEDFINNELDSVIMKEDEQKYRCHVGTCAKLFLGPEFVRKHINKKHKDWLDHIKKVAICLYGYVLDPCR
AMDPKVVSSAWSHPQFEK
;
B,D
#
# COMPACT_ATOMS: atom_id res chain seq x y z
N LEU A 6 -24.71 -18.70 -15.31
CA LEU A 6 -23.81 -17.73 -14.61
C LEU A 6 -23.40 -18.33 -13.25
N ILE A 7 -22.10 -18.30 -12.98
CA ILE A 7 -21.47 -18.87 -11.75
C ILE A 7 -20.45 -17.86 -11.23
N ASP A 8 -19.85 -18.15 -10.09
CA ASP A 8 -18.95 -17.21 -9.36
C ASP A 8 -17.62 -17.11 -10.12
N PRO A 9 -17.28 -15.97 -10.75
CA PRO A 9 -16.00 -15.88 -11.44
C PRO A 9 -14.85 -16.05 -10.45
N TYR A 10 -15.05 -15.60 -9.22
CA TYR A 10 -14.02 -15.57 -8.15
C TYR A 10 -13.60 -16.99 -7.74
N THR A 11 -14.34 -18.01 -8.18
CA THR A 11 -14.01 -19.43 -7.91
C THR A 11 -13.38 -20.04 -9.17
N GLN A 12 -13.58 -19.41 -10.31
CA GLN A 12 -13.24 -20.01 -11.63
C GLN A 12 -11.84 -19.58 -12.04
N THR A 13 -11.12 -20.52 -12.64
CA THR A 13 -9.72 -20.33 -13.07
C THR A 13 -9.70 -19.60 -14.41
N ASN A 14 -10.83 -19.55 -15.14
CA ASN A 14 -10.95 -18.86 -16.45
C ASN A 14 -11.28 -17.39 -16.23
N ALA A 15 -10.81 -16.51 -17.12
CA ALA A 15 -11.13 -15.06 -17.13
C ALA A 15 -12.52 -14.85 -17.69
N VAL A 16 -13.06 -13.65 -17.53
CA VAL A 16 -14.47 -13.31 -17.88
C VAL A 16 -14.47 -11.84 -18.32
N SER A 17 -14.92 -11.57 -19.55
CA SER A 17 -15.06 -10.21 -20.12
C SER A 17 -15.77 -9.31 -19.10
N TYR A 18 -15.37 -8.04 -19.06
CA TYR A 18 -16.03 -6.98 -18.27
C TYR A 18 -17.54 -7.04 -18.49
N GLU A 19 -17.99 -7.17 -19.75
CA GLU A 19 -19.43 -7.21 -20.12
C GLU A 19 -20.09 -8.37 -19.36
N ARG A 20 -19.43 -9.54 -19.34
CA ARG A 20 -19.99 -10.77 -18.73
C ARG A 20 -19.87 -10.68 -17.20
N PHE A 21 -18.76 -10.12 -16.71
CA PHE A 21 -18.53 -9.90 -15.26
C PHE A 21 -19.65 -9.04 -14.71
N ILE A 22 -19.97 -7.94 -15.40
CA ILE A 22 -21.04 -6.99 -15.00
C ILE A 22 -22.34 -7.77 -14.80
N ARG A 23 -22.71 -8.60 -15.76
CA ARG A 23 -24.01 -9.33 -15.74
C ARG A 23 -24.10 -10.19 -14.49
N TRP A 24 -23.03 -10.92 -14.17
CA TRP A 24 -22.93 -11.72 -12.91
C TRP A 24 -23.15 -10.79 -11.70
N TYR A 25 -22.37 -9.72 -11.65
CA TYR A 25 -22.48 -8.68 -10.60
C TYR A 25 -23.93 -8.22 -10.52
N SER A 26 -24.54 -7.85 -11.66
CA SER A 26 -25.94 -7.36 -11.79
C SER A 26 -26.89 -8.31 -11.06
N LYS A 27 -26.88 -9.59 -11.43
CA LYS A 27 -27.84 -10.58 -10.86
C LYS A 27 -27.43 -10.88 -9.41
N GLU A 28 -26.15 -11.18 -9.18
CA GLU A 28 -25.56 -11.54 -7.86
C GLU A 28 -26.01 -10.53 -6.78
N ASN A 29 -26.10 -9.24 -7.12
CA ASN A 29 -26.36 -8.15 -6.12
C ASN A 29 -27.64 -7.40 -6.47
N HIS A 30 -28.51 -7.99 -7.29
CA HIS A 30 -29.89 -7.51 -7.62
C HIS A 30 -29.85 -6.03 -8.04
N ILE A 31 -28.98 -5.70 -8.99
CA ILE A 31 -28.77 -4.32 -9.52
C ILE A 31 -29.48 -4.20 -10.88
N SER A 32 -30.55 -3.40 -10.94
CA SER A 32 -31.34 -3.13 -12.18
C SER A 32 -30.69 -2.00 -12.99
N ALA A 33 -29.63 -2.33 -13.73
CA ALA A 33 -28.78 -1.38 -14.48
C ALA A 33 -28.22 -2.08 -15.73
N THR A 34 -28.29 -1.40 -16.86
CA THR A 34 -28.12 -1.98 -18.23
C THR A 34 -26.64 -2.03 -18.61
N THR A 35 -25.76 -2.52 -17.73
CA THR A 35 -24.31 -2.84 -17.97
C THR A 35 -23.49 -1.62 -18.45
N GLU A 36 -23.99 -0.84 -19.41
CA GLU A 36 -23.41 0.49 -19.79
C GLU A 36 -23.86 1.53 -18.76
N ASP A 37 -25.01 1.35 -18.11
CA ASP A 37 -25.36 2.10 -16.86
C ASP A 37 -24.24 1.88 -15.83
N LEU A 38 -23.69 0.67 -15.77
CA LEU A 38 -22.77 0.17 -14.71
C LEU A 38 -21.30 0.28 -15.17
N TYR A 39 -21.07 0.37 -16.47
CA TYR A 39 -19.72 0.30 -17.12
C TYR A 39 -18.69 1.11 -16.32
N ASN A 40 -19.05 2.29 -15.80
CA ASN A 40 -18.06 3.20 -15.16
C ASN A 40 -17.78 2.78 -13.72
N SER A 41 -18.78 2.20 -13.06
CA SER A 41 -18.73 1.81 -11.63
C SER A 41 -17.70 0.69 -11.40
N LEU A 42 -17.67 -0.32 -12.26
CA LEU A 42 -17.05 -1.61 -11.87
C LEU A 42 -15.66 -1.75 -12.46
N HIS A 43 -15.12 -0.68 -13.04
CA HIS A 43 -13.73 -0.64 -13.56
C HIS A 43 -12.77 -1.21 -12.50
N GLY A 44 -12.76 -0.63 -11.30
CA GLY A 44 -11.87 -1.07 -10.22
C GLY A 44 -12.15 -2.51 -9.82
N THR A 45 -13.43 -2.84 -9.60
CA THR A 45 -13.88 -4.15 -9.07
C THR A 45 -13.32 -5.26 -9.99
N TYR A 46 -13.51 -5.11 -11.30
CA TYR A 46 -13.04 -6.03 -12.36
C TYR A 46 -11.52 -6.17 -12.28
N ASN A 47 -10.83 -5.04 -12.17
CA ASN A 47 -9.35 -4.96 -12.05
C ASN A 47 -8.90 -5.83 -10.88
N ASN A 48 -9.57 -5.72 -9.73
CA ASN A 48 -9.25 -6.52 -8.52
C ASN A 48 -9.64 -7.98 -8.75
N TYR A 49 -10.77 -8.22 -9.43
CA TYR A 49 -11.21 -9.59 -9.82
C TYR A 49 -10.08 -10.28 -10.58
N LYS A 50 -9.43 -9.56 -11.48
CA LYS A 50 -8.35 -10.09 -12.36
C LYS A 50 -7.09 -10.29 -11.51
N GLN A 51 -6.62 -9.22 -10.85
CA GLN A 51 -5.52 -9.30 -9.86
C GLN A 51 -5.74 -10.57 -9.04
N ASP A 52 -6.94 -10.77 -8.53
CA ASP A 52 -7.30 -11.90 -7.63
C ASP A 52 -7.18 -13.18 -8.44
N LEU A 53 -7.75 -13.21 -9.65
CA LEU A 53 -7.61 -14.39 -10.53
C LEU A 53 -6.13 -14.67 -10.77
N TYR A 54 -5.42 -13.77 -11.46
CA TYR A 54 -3.96 -13.90 -11.73
C TYR A 54 -3.30 -14.57 -10.53
N ALA A 55 -3.67 -14.14 -9.33
CA ALA A 55 -3.03 -14.52 -8.05
C ALA A 55 -3.26 -16.01 -7.81
N ARG A 56 -4.51 -16.45 -7.70
CA ARG A 56 -4.81 -17.82 -7.25
C ARG A 56 -4.52 -18.84 -8.37
N THR A 57 -4.22 -18.39 -9.59
CA THR A 57 -3.85 -19.26 -10.74
C THR A 57 -2.35 -19.29 -10.94
N ALA A 58 -1.61 -18.38 -10.30
CA ALA A 58 -0.14 -18.24 -10.44
C ALA A 58 0.53 -19.59 -10.19
N ARG A 59 0.30 -20.19 -9.02
CA ARG A 59 0.90 -21.50 -8.62
C ARG A 59 0.68 -22.57 -9.69
N SER A 60 -0.56 -22.74 -10.19
CA SER A 60 -0.87 -23.79 -11.19
C SER A 60 -0.05 -23.54 -12.46
N PHE A 61 0.01 -22.31 -12.97
CA PHE A 61 0.81 -21.92 -14.15
C PHE A 61 2.27 -22.38 -13.95
N VAL A 62 2.87 -21.95 -12.83
CA VAL A 62 4.29 -22.28 -12.51
C VAL A 62 4.47 -23.81 -12.53
N GLU A 63 3.51 -24.57 -12.00
CA GLU A 63 3.64 -26.04 -11.79
C GLU A 63 3.73 -26.72 -13.15
N SER A 64 2.96 -26.25 -14.13
CA SER A 64 2.80 -26.94 -15.44
C SER A 64 3.95 -26.56 -16.37
N HIS A 65 4.60 -25.41 -16.16
CA HIS A 65 5.61 -24.86 -17.09
C HIS A 65 7.01 -24.98 -16.47
N CYS A 66 7.12 -25.37 -15.19
CA CYS A 66 8.37 -25.23 -14.39
C CYS A 66 9.56 -25.92 -15.08
N ASP A 67 9.32 -27.00 -15.83
CA ASP A 67 10.38 -27.86 -16.40
C ASP A 67 10.69 -27.48 -17.86
N GLU A 68 9.95 -26.52 -18.43
CA GLU A 68 10.23 -25.98 -19.79
C GLU A 68 11.51 -25.14 -19.69
N ALA A 69 12.30 -25.10 -20.78
CA ALA A 69 13.69 -24.56 -20.81
C ALA A 69 13.67 -23.05 -20.57
N TRP A 70 12.73 -22.36 -21.22
CA TRP A 70 12.55 -20.89 -21.16
C TRP A 70 12.22 -20.46 -19.73
N PHE A 71 11.18 -21.06 -19.16
CA PHE A 71 10.67 -20.73 -17.80
C PHE A 71 11.80 -20.87 -16.79
N GLU A 72 12.52 -21.99 -16.81
CA GLU A 72 13.73 -22.22 -15.97
C GLU A 72 14.73 -21.05 -16.14
N ASP A 73 14.98 -20.63 -17.39
CA ASP A 73 15.97 -19.58 -17.79
C ASP A 73 15.52 -18.22 -17.24
N SER A 74 14.21 -17.95 -17.25
CA SER A 74 13.57 -16.72 -16.73
C SER A 74 13.68 -16.62 -15.20
N TYR A 75 13.24 -17.64 -14.48
CA TYR A 75 12.85 -17.51 -13.05
C TYR A 75 13.64 -18.44 -12.14
N TRP A 76 14.11 -19.59 -12.62
CA TRP A 76 14.75 -20.62 -11.75
C TRP A 76 16.18 -20.20 -11.38
N VAL A 77 16.39 -19.94 -10.09
CA VAL A 77 17.67 -19.49 -9.49
C VAL A 77 17.94 -20.36 -8.25
N ASP A 78 19.19 -20.82 -8.08
CA ASP A 78 19.63 -21.70 -6.96
C ASP A 78 21.10 -22.04 -7.18
N GLU A 79 22.02 -21.30 -6.54
CA GLU A 79 23.48 -21.54 -6.61
C GLU A 79 23.80 -23.02 -6.38
N SER A 80 23.09 -23.65 -5.43
CA SER A 80 23.22 -25.07 -5.00
C SER A 80 22.98 -26.05 -6.16
N GLN A 81 22.18 -25.68 -7.16
CA GLN A 81 21.94 -26.50 -8.39
C GLN A 81 22.40 -25.71 -9.63
N GLY A 82 23.53 -24.99 -9.49
CA GLY A 82 24.31 -24.34 -10.57
C GLY A 82 23.45 -23.50 -11.51
N ARG A 83 22.49 -22.77 -10.93
CA ARG A 83 21.54 -21.88 -11.65
C ARG A 83 21.65 -20.49 -11.00
N VAL A 84 21.75 -19.44 -11.82
CA VAL A 84 21.76 -18.01 -11.38
C VAL A 84 21.47 -17.14 -12.61
N LEU A 85 21.24 -15.84 -12.41
CA LEU A 85 21.01 -14.85 -13.50
C LEU A 85 21.93 -13.66 -13.23
N GLU A 86 22.95 -13.48 -14.08
CA GLU A 86 23.93 -12.35 -14.03
C GLU A 86 24.09 -11.80 -15.45
N VAL A 87 24.34 -10.50 -15.56
CA VAL A 87 24.44 -9.79 -16.86
C VAL A 87 25.77 -10.18 -17.49
N SER A 88 25.73 -10.78 -18.70
CA SER A 88 26.93 -11.25 -19.44
C SER A 88 27.89 -10.08 -19.64
N GLU A 89 29.19 -10.37 -19.53
CA GLU A 89 30.28 -9.40 -19.79
C GLU A 89 30.15 -8.83 -21.21
N ASN A 90 29.62 -9.63 -22.15
CA ASN A 90 29.32 -9.24 -23.54
C ASN A 90 28.22 -8.17 -23.59
N GLU A 91 27.12 -8.38 -22.84
CA GLU A 91 25.94 -7.47 -22.80
C GLU A 91 26.38 -6.11 -22.23
N LYS A 92 27.14 -6.12 -21.15
CA LYS A 92 27.63 -4.88 -20.51
C LYS A 92 28.30 -4.04 -21.59
N SER A 93 29.15 -4.67 -22.40
CA SER A 93 29.81 -4.07 -23.57
C SER A 93 28.75 -3.51 -24.55
N TYR A 94 27.85 -4.37 -25.01
CA TYR A 94 26.73 -4.01 -25.92
C TYR A 94 26.03 -2.77 -25.37
N ARG A 95 25.53 -2.83 -24.13
CA ARG A 95 24.74 -1.74 -23.47
C ARG A 95 25.56 -0.45 -23.41
N ARG A 96 26.85 -0.58 -23.13
CA ARG A 96 27.77 0.57 -22.98
C ARG A 96 27.88 1.34 -24.30
N ALA A 97 27.85 0.65 -25.44
CA ALA A 97 27.95 1.26 -26.79
C ALA A 97 26.66 2.01 -27.12
N LEU A 98 25.51 1.44 -26.74
CA LEU A 98 24.16 2.08 -26.82
C LEU A 98 24.08 3.36 -25.96
N TYR A 99 24.67 3.32 -24.76
CA TYR A 99 24.86 4.51 -23.89
C TYR A 99 25.61 5.59 -24.69
N ASP A 100 26.79 5.23 -25.24
CA ASP A 100 27.79 6.18 -25.81
C ASP A 100 27.20 6.83 -27.07
N LYS A 101 26.47 6.06 -27.86
CA LYS A 101 25.68 6.57 -29.01
C LYS A 101 24.73 7.65 -28.47
N PHE A 102 23.93 7.30 -27.49
CA PHE A 102 22.89 8.21 -26.94
C PHE A 102 23.54 9.54 -26.55
N MET A 103 24.58 9.48 -25.72
CA MET A 103 25.23 10.70 -25.16
C MET A 103 25.88 11.52 -26.27
N ASP A 104 26.54 10.87 -27.23
CA ASP A 104 27.03 11.54 -28.47
C ASP A 104 25.87 12.22 -29.17
N ARG A 105 24.73 11.54 -29.26
CA ARG A 105 23.51 12.10 -29.90
C ARG A 105 22.99 13.25 -29.02
N LEU A 106 23.00 13.07 -27.71
CA LEU A 106 22.47 14.12 -26.81
C LEU A 106 23.20 15.41 -27.11
N ASP A 107 24.54 15.32 -27.09
CA ASP A 107 25.50 16.44 -27.17
C ASP A 107 25.49 17.09 -28.55
N ALA A 108 25.25 16.32 -29.60
CA ALA A 108 25.20 16.81 -31.00
C ALA A 108 23.81 17.45 -31.29
N GLY A 109 22.94 17.56 -30.29
CA GLY A 109 21.64 18.26 -30.39
C GLY A 109 20.53 17.39 -30.95
N TYR A 110 20.76 16.09 -31.07
CA TYR A 110 19.84 15.09 -31.67
C TYR A 110 18.49 15.16 -30.96
N TYR A 111 18.49 15.43 -29.64
CA TYR A 111 17.31 15.25 -28.75
C TYR A 111 16.82 16.61 -28.23
N ASP A 112 17.29 17.72 -28.80
CA ASP A 112 16.90 19.08 -28.32
C ASP A 112 15.46 19.36 -28.75
N ASP A 113 15.10 18.98 -29.97
CA ASP A 113 13.75 19.15 -30.55
C ASP A 113 12.87 17.96 -30.16
N PHE A 114 13.37 17.02 -29.37
CA PHE A 114 12.66 15.74 -29.11
C PHE A 114 11.60 15.92 -28.03
N GLN A 115 10.52 15.17 -28.20
CA GLN A 115 9.25 15.28 -27.42
C GLN A 115 8.25 14.22 -27.93
N LEU A 116 7.53 13.54 -27.03
CA LEU A 116 6.48 12.54 -27.38
C LEU A 116 5.35 13.25 -28.12
N PRO A 117 4.99 12.85 -29.36
CA PRO A 117 3.92 13.52 -30.07
C PRO A 117 2.60 13.57 -29.29
N THR A 118 1.70 14.47 -29.69
CA THR A 118 0.34 14.62 -29.09
C THR A 118 -0.63 13.68 -29.82
N ALA A 119 -1.73 13.31 -29.19
CA ALA A 119 -2.76 12.41 -29.74
C ALA A 119 -3.82 13.23 -30.47
N ILE B 7 11.14 30.23 1.19
CA ILE B 7 11.98 29.10 1.74
C ILE B 7 11.21 27.78 1.64
N ASP B 8 11.91 26.65 1.80
CA ASP B 8 11.40 25.27 1.56
C ASP B 8 10.47 24.84 2.69
N PRO B 9 9.16 24.63 2.44
CA PRO B 9 8.23 24.24 3.51
C PRO B 9 8.58 22.83 4.01
N TYR B 10 9.19 22.03 3.12
CA TYR B 10 9.57 20.60 3.34
C TYR B 10 10.73 20.49 4.33
N THR B 11 11.34 21.61 4.72
CA THR B 11 12.39 21.70 5.77
C THR B 11 11.81 22.28 7.07
N GLN B 12 10.75 23.09 7.01
CA GLN B 12 10.21 23.91 8.14
C GLN B 12 9.18 23.12 8.96
N THR B 13 9.12 23.41 10.28
CA THR B 13 8.29 22.71 11.31
C THR B 13 6.86 23.24 11.29
N ASN B 14 6.62 24.32 10.56
CA ASN B 14 5.31 25.04 10.55
C ASN B 14 4.60 24.76 9.25
N ALA B 15 3.26 24.68 9.34
CA ALA B 15 2.36 24.39 8.21
C ALA B 15 2.17 25.67 7.39
N VAL B 16 2.50 25.61 6.10
CA VAL B 16 2.30 26.71 5.12
C VAL B 16 0.90 26.55 4.53
N SER B 17 0.15 27.64 4.41
CA SER B 17 -1.22 27.66 3.82
C SER B 17 -1.17 27.13 2.37
N TYR B 18 -2.30 26.61 1.88
CA TYR B 18 -2.41 25.99 0.54
C TYR B 18 -2.07 27.02 -0.53
N GLU B 19 -2.49 28.26 -0.31
CA GLU B 19 -2.21 29.39 -1.23
C GLU B 19 -0.72 29.73 -1.17
N ARG B 20 -0.18 29.96 0.04
CA ARG B 20 1.26 30.29 0.23
C ARG B 20 2.12 29.16 -0.33
N PHE B 21 1.65 27.91 -0.21
CA PHE B 21 2.33 26.72 -0.75
C PHE B 21 2.44 26.84 -2.27
N ILE B 22 1.29 26.95 -2.94
CA ILE B 22 1.20 27.16 -4.42
C ILE B 22 2.33 28.09 -4.86
N ARG B 23 2.41 29.28 -4.24
CA ARG B 23 3.36 30.35 -4.64
C ARG B 23 4.79 29.80 -4.64
N TRP B 24 5.20 29.14 -3.54
CA TRP B 24 6.55 28.53 -3.38
C TRP B 24 6.79 27.58 -4.54
N TYR B 25 5.79 26.75 -4.83
CA TYR B 25 5.82 25.72 -5.89
C TYR B 25 5.94 26.40 -7.26
N SER B 26 5.12 27.43 -7.50
CA SER B 26 5.11 28.25 -8.74
C SER B 26 6.54 28.70 -9.05
N LYS B 27 7.17 29.37 -8.07
CA LYS B 27 8.55 29.90 -8.15
C LYS B 27 9.52 28.72 -8.25
N GLU B 28 9.50 27.81 -7.26
CA GLU B 28 10.39 26.62 -7.17
C GLU B 28 10.45 25.90 -8.52
N ASN B 29 9.36 25.89 -9.29
CA ASN B 29 9.24 25.13 -10.57
C ASN B 29 8.94 26.08 -11.74
N HIS B 30 9.18 27.39 -11.55
CA HIS B 30 9.05 28.47 -12.56
C HIS B 30 7.62 28.51 -13.12
N ALA B 33 2.01 30.46 -13.10
CA ALA B 33 1.54 30.84 -11.73
C ALA B 33 0.11 31.40 -11.79
N THR B 34 -0.72 30.89 -12.70
CA THR B 34 -2.15 31.28 -12.90
C THR B 34 -2.91 31.08 -11.58
N THR B 35 -2.38 30.28 -10.64
CA THR B 35 -2.99 29.88 -9.35
C THR B 35 -4.35 29.22 -9.60
N GLU B 36 -5.23 29.90 -10.37
CA GLU B 36 -6.53 29.42 -10.89
C GLU B 36 -6.45 27.91 -11.18
N ASP B 37 -5.53 27.50 -12.05
CA ASP B 37 -5.33 26.07 -12.43
C ASP B 37 -4.59 25.36 -11.29
N LEU B 38 -3.46 25.89 -10.85
CA LEU B 38 -2.59 25.27 -9.80
C LEU B 38 -3.45 24.85 -8.61
N TYR B 39 -4.43 25.68 -8.23
CA TYR B 39 -5.38 25.45 -7.12
C TYR B 39 -5.99 24.05 -7.21
N ASN B 40 -6.30 23.60 -8.44
CA ASN B 40 -7.04 22.34 -8.69
C ASN B 40 -6.08 21.14 -8.81
N SER B 41 -4.76 21.39 -8.84
CA SER B 41 -3.71 20.38 -9.10
C SER B 41 -3.01 19.94 -7.80
N LEU B 42 -2.64 20.91 -6.96
CA LEU B 42 -1.72 20.66 -5.82
C LEU B 42 -2.51 20.21 -4.58
N HIS B 43 -3.83 20.05 -4.68
CA HIS B 43 -4.66 19.49 -3.59
C HIS B 43 -3.97 18.24 -3.01
N GLY B 44 -3.54 17.32 -3.86
CA GLY B 44 -2.88 16.05 -3.46
C GLY B 44 -1.46 16.29 -2.95
N THR B 45 -0.68 17.09 -3.68
CA THR B 45 0.72 17.41 -3.32
C THR B 45 0.76 18.01 -1.91
N TYR B 46 -0.22 18.88 -1.60
CA TYR B 46 -0.36 19.61 -0.32
C TYR B 46 -0.72 18.62 0.80
N ASN B 47 -1.62 17.69 0.46
CA ASN B 47 -1.99 16.57 1.35
C ASN B 47 -0.73 15.76 1.68
N ASN B 48 0.07 15.40 0.68
CA ASN B 48 1.32 14.62 0.89
C ASN B 48 2.33 15.46 1.67
N TYR B 49 2.43 16.78 1.38
CA TYR B 49 3.32 17.75 2.07
C TYR B 49 2.97 17.81 3.56
N LYS B 50 1.69 17.93 3.85
CA LYS B 50 1.18 17.89 5.25
C LYS B 50 1.51 16.54 5.88
N GLN B 51 1.15 15.43 5.22
CA GLN B 51 1.45 14.04 5.67
C GLN B 51 2.93 13.97 6.06
N ASP B 52 3.81 14.48 5.20
CA ASP B 52 5.28 14.50 5.41
C ASP B 52 5.57 15.42 6.60
N LEU B 53 5.14 16.68 6.53
CA LEU B 53 5.26 17.63 7.66
C LEU B 53 4.87 16.92 8.96
N TYR B 54 3.64 16.40 9.05
CA TYR B 54 3.18 15.68 10.27
C TYR B 54 4.27 14.69 10.71
N ALA B 55 4.74 13.86 9.79
CA ALA B 55 5.62 12.70 10.07
C ALA B 55 6.91 13.17 10.75
N ARG B 56 7.65 14.11 10.16
CA ARG B 56 8.98 14.52 10.70
C ARG B 56 8.81 15.36 11.99
N THR B 57 7.68 16.03 12.18
CA THR B 57 7.37 16.78 13.42
C THR B 57 6.95 15.81 14.54
N ALA B 58 6.47 14.61 14.18
CA ALA B 58 5.85 13.63 15.11
C ALA B 58 6.72 13.47 16.35
N ARG B 59 7.99 13.12 16.16
CA ARG B 59 8.93 12.86 17.29
C ARG B 59 9.05 14.10 18.19
N SER B 60 9.25 15.29 17.63
CA SER B 60 9.35 16.52 18.46
C SER B 60 8.11 16.64 19.36
N PHE B 61 6.93 16.36 18.79
CA PHE B 61 5.62 16.54 19.44
C PHE B 61 5.55 15.63 20.67
N VAL B 62 5.98 14.39 20.50
CA VAL B 62 6.06 13.37 21.60
C VAL B 62 7.07 13.88 22.64
N GLU B 63 8.23 14.37 22.20
CA GLU B 63 9.36 14.66 23.12
C GLU B 63 8.87 15.66 24.17
N SER B 64 8.10 16.67 23.75
CA SER B 64 7.64 17.78 24.63
C SER B 64 6.46 17.35 25.52
N HIS B 65 5.56 16.51 25.02
CA HIS B 65 4.30 16.15 25.73
C HIS B 65 4.39 14.82 26.50
N CYS B 66 5.48 14.05 26.38
CA CYS B 66 5.62 12.66 26.91
C CYS B 66 5.43 12.62 28.44
N ASP B 67 5.71 13.71 29.16
CA ASP B 67 5.63 13.74 30.64
C ASP B 67 4.29 14.35 31.10
N GLU B 68 3.50 14.96 30.21
CA GLU B 68 2.12 15.44 30.47
C GLU B 68 1.22 14.22 30.73
N ALA B 69 0.30 14.31 31.70
CA ALA B 69 -0.58 13.21 32.18
C ALA B 69 -1.54 12.76 31.08
N TRP B 70 -2.04 13.70 30.26
CA TRP B 70 -3.05 13.39 29.22
C TRP B 70 -2.38 12.54 28.14
N PHE B 71 -1.14 12.85 27.78
CA PHE B 71 -0.41 12.18 26.67
C PHE B 71 -0.03 10.75 27.10
N GLU B 72 0.48 10.58 28.32
CA GLU B 72 0.89 9.27 28.89
C GLU B 72 -0.29 8.30 28.88
N ASP B 73 -1.46 8.74 29.38
CA ASP B 73 -2.68 7.89 29.57
C ASP B 73 -3.18 7.42 28.20
N SER B 74 -3.00 8.21 27.17
CA SER B 74 -3.29 7.82 25.76
C SER B 74 -2.33 6.71 25.30
N TYR B 75 -1.02 6.96 25.32
CA TYR B 75 -0.03 6.24 24.47
C TYR B 75 0.96 5.40 25.30
N TRP B 76 1.30 5.79 26.53
CA TRP B 76 2.43 5.15 27.24
C TRP B 76 1.99 3.80 27.81
N VAL B 77 2.51 2.72 27.22
CA VAL B 77 2.24 1.30 27.60
C VAL B 77 3.58 0.62 27.89
N ASP B 78 3.67 -0.06 29.03
CA ASP B 78 4.89 -0.77 29.48
C ASP B 78 4.54 -1.74 30.62
N GLU B 79 4.74 -3.04 30.38
CA GLU B 79 4.37 -4.14 31.31
C GLU B 79 5.34 -4.19 32.50
N SER B 80 6.48 -3.50 32.42
CA SER B 80 7.53 -3.47 33.47
C SER B 80 7.16 -2.51 34.61
N GLN B 81 6.45 -1.41 34.33
CA GLN B 81 6.02 -0.42 35.36
C GLN B 81 4.50 -0.43 35.52
N GLY B 82 3.85 -1.57 35.26
CA GLY B 82 2.39 -1.74 35.37
C GLY B 82 1.65 -0.59 34.70
N ARG B 83 1.99 -0.33 33.43
CA ARG B 83 1.36 0.70 32.56
C ARG B 83 0.68 -0.02 31.40
N VAL B 84 -0.42 -0.72 31.68
CA VAL B 84 -1.30 -1.31 30.62
C VAL B 84 -2.46 -0.34 30.41
N LEU B 85 -3.25 -0.53 29.36
CA LEU B 85 -4.45 0.30 29.08
C LEU B 85 -5.59 -0.63 28.65
N GLU B 86 -6.07 -1.46 29.58
CA GLU B 86 -7.17 -2.45 29.37
C GLU B 86 -8.51 -1.74 29.41
N VAL B 87 -9.56 -2.44 29.00
CA VAL B 87 -10.97 -1.95 29.05
C VAL B 87 -11.53 -2.39 30.41
N SER B 88 -11.93 -1.42 31.24
CA SER B 88 -12.45 -1.63 32.61
C SER B 88 -13.70 -2.51 32.53
N GLU B 89 -13.86 -3.43 33.50
CA GLU B 89 -15.07 -4.27 33.71
C GLU B 89 -16.31 -3.37 33.83
N ASN B 90 -16.16 -2.21 34.48
CA ASN B 90 -17.16 -1.11 34.54
C ASN B 90 -17.63 -0.77 33.12
N GLU B 91 -16.68 -0.39 32.25
CA GLU B 91 -16.94 0.02 30.84
C GLU B 91 -17.63 -1.12 30.06
N LYS B 92 -17.12 -2.35 30.16
CA LYS B 92 -17.71 -3.53 29.46
C LYS B 92 -19.21 -3.57 29.76
N SER B 93 -19.59 -3.38 31.01
CA SER B 93 -21.01 -3.31 31.43
C SER B 93 -21.74 -2.20 30.67
N TYR B 94 -21.20 -0.97 30.71
CA TYR B 94 -21.73 0.24 30.05
C TYR B 94 -22.05 -0.03 28.57
N ARG B 95 -21.11 -0.66 27.86
CA ARG B 95 -21.24 -0.97 26.40
C ARG B 95 -22.37 -1.99 26.18
N ARG B 96 -22.40 -3.05 26.98
CA ARG B 96 -23.41 -4.11 26.84
C ARG B 96 -24.81 -3.51 27.01
N ALA B 97 -24.96 -2.52 27.88
CA ALA B 97 -26.23 -1.76 28.10
C ALA B 97 -26.63 -1.09 26.79
N LEU B 98 -25.70 -0.32 26.18
CA LEU B 98 -25.87 0.37 24.88
C LEU B 98 -26.11 -0.61 23.72
N TYR B 99 -25.45 -1.78 23.73
CA TYR B 99 -25.72 -2.90 22.79
C TYR B 99 -27.21 -3.28 22.89
N ASP B 100 -27.64 -3.63 24.11
CA ASP B 100 -28.94 -4.27 24.39
C ASP B 100 -30.06 -3.28 24.06
N LYS B 101 -29.86 -2.01 24.37
CA LYS B 101 -30.80 -0.93 24.02
C LYS B 101 -30.98 -0.94 22.51
N PHE B 102 -29.87 -1.00 21.79
CA PHE B 102 -29.85 -0.91 20.31
C PHE B 102 -30.61 -2.09 19.69
N MET B 103 -30.43 -3.31 20.20
CA MET B 103 -31.07 -4.53 19.67
C MET B 103 -32.55 -4.56 20.07
N ASP B 104 -32.89 -4.16 21.29
CA ASP B 104 -34.32 -3.95 21.68
C ASP B 104 -34.96 -2.98 20.67
N ARG B 105 -34.29 -1.87 20.40
CA ARG B 105 -34.80 -0.86 19.44
C ARG B 105 -34.89 -1.52 18.07
N LEU B 106 -33.87 -2.28 17.68
CA LEU B 106 -33.85 -2.92 16.34
C LEU B 106 -35.12 -3.74 16.18
N ASP B 107 -35.42 -4.53 17.21
CA ASP B 107 -36.47 -5.59 17.16
C ASP B 107 -37.84 -4.95 17.27
N ALA B 108 -37.90 -3.72 17.75
CA ALA B 108 -39.15 -2.96 17.86
C ALA B 108 -39.30 -2.10 16.60
N GLY B 109 -38.47 -2.34 15.58
CA GLY B 109 -38.51 -1.64 14.29
C GLY B 109 -38.16 -0.16 14.39
N TYR B 110 -37.41 0.21 15.43
CA TYR B 110 -36.93 1.60 15.69
C TYR B 110 -36.15 2.09 14.48
N TYR B 111 -35.34 1.19 13.90
CA TYR B 111 -34.36 1.50 12.84
C TYR B 111 -34.88 1.04 11.47
N ASP B 112 -36.11 0.55 11.38
CA ASP B 112 -36.67 0.04 10.09
C ASP B 112 -36.62 1.16 9.04
N ASP B 113 -37.01 2.38 9.42
CA ASP B 113 -37.16 3.54 8.51
C ASP B 113 -35.93 4.46 8.59
N PHE B 114 -34.81 3.99 9.15
CA PHE B 114 -33.61 4.82 9.40
C PHE B 114 -32.68 4.82 8.19
N GLN B 115 -31.97 5.91 8.01
CA GLN B 115 -31.06 6.16 6.86
C GLN B 115 -30.46 7.54 7.08
N LEU B 116 -29.21 7.78 6.70
CA LEU B 116 -28.65 9.15 6.78
C LEU B 116 -29.41 10.05 5.82
N PRO B 117 -29.75 11.29 6.25
CA PRO B 117 -30.42 12.23 5.37
C PRO B 117 -29.57 12.53 4.14
N THR B 118 -30.16 13.19 3.14
CA THR B 118 -29.46 13.67 1.91
C THR B 118 -29.08 15.14 2.10
N ALA B 119 -28.09 15.63 1.36
CA ALA B 119 -27.58 17.03 1.39
C ALA B 119 -28.40 17.90 0.42
N GLU C 13 34.35 0.03 35.84
CA GLU C 13 33.18 -0.60 35.15
C GLU C 13 33.67 -1.78 34.28
N ASP C 14 32.72 -2.50 33.66
CA ASP C 14 33.00 -3.68 32.82
C ASP C 14 33.53 -3.21 31.46
N GLY C 15 34.66 -3.77 31.01
CA GLY C 15 35.31 -3.48 29.72
C GLY C 15 35.65 -2.01 29.58
N GLU C 16 35.73 -1.28 30.70
CA GLU C 16 36.02 0.17 30.72
C GLU C 16 37.53 0.39 30.57
N ILE C 17 37.94 1.29 29.67
CA ILE C 17 39.36 1.70 29.45
C ILE C 17 39.68 2.79 30.48
N SER C 18 40.97 2.97 30.80
CA SER C 18 41.49 4.03 31.70
C SER C 18 42.08 5.17 30.83
N LYS D 12 10.95 -51.12 8.31
CA LYS D 12 10.08 -50.02 8.88
C LYS D 12 10.95 -48.80 9.24
N GLU D 13 10.35 -47.60 9.20
CA GLU D 13 10.99 -46.28 9.52
C GLU D 13 10.49 -45.79 10.89
N ASP D 14 11.05 -44.68 11.38
CA ASP D 14 10.77 -44.10 12.74
C ASP D 14 9.28 -43.76 12.86
N GLY D 15 8.57 -44.39 13.80
CA GLY D 15 7.18 -44.07 14.15
C GLY D 15 6.17 -44.82 13.31
N GLU D 16 6.62 -45.68 12.37
CA GLU D 16 5.75 -46.51 11.47
C GLU D 16 4.83 -47.42 12.29
N ILE D 17 3.52 -47.41 12.00
CA ILE D 17 2.46 -48.12 12.79
C ILE D 17 1.51 -48.87 11.85
N SER D 18 2.04 -49.84 11.10
CA SER D 18 1.27 -50.82 10.28
C SER D 18 0.52 -51.77 11.23
N GLN E 5 4.29 9.34 -42.28
CA GLN E 5 5.76 9.08 -42.34
C GLN E 5 6.34 9.07 -40.92
N LEU E 6 7.27 8.13 -40.64
CA LEU E 6 7.87 7.89 -39.30
C LEU E 6 8.75 9.09 -38.93
N SER E 7 8.69 9.52 -37.67
CA SER E 7 9.59 10.58 -37.11
C SER E 7 11.03 10.12 -37.27
N LYS E 8 11.95 11.07 -37.39
CA LYS E 8 13.41 10.80 -37.47
C LYS E 8 13.77 9.76 -36.41
N TRP E 9 13.35 10.02 -35.17
CA TRP E 9 13.74 9.25 -33.96
C TRP E 9 13.26 7.80 -34.07
N ASN E 10 12.03 7.60 -34.53
CA ASN E 10 11.41 6.26 -34.69
C ASN E 10 12.02 5.57 -35.91
N GLN E 11 12.20 6.30 -37.02
CA GLN E 11 12.89 5.79 -38.22
C GLN E 11 14.32 5.37 -37.85
N ASP E 12 15.04 6.23 -37.14
CA ASP E 12 16.45 5.98 -36.72
C ASP E 12 16.48 4.74 -35.81
N SER E 13 15.62 4.72 -34.78
CA SER E 13 15.51 3.59 -33.82
C SER E 13 15.39 2.29 -34.63
N ARG E 14 14.42 2.28 -35.55
CA ARG E 14 14.16 1.16 -36.47
C ARG E 14 15.47 0.68 -37.10
N ASN E 15 16.15 1.55 -37.84
CA ASN E 15 17.40 1.21 -38.59
C ASN E 15 18.47 0.71 -37.62
N ASP E 16 18.69 1.41 -36.50
CA ASP E 16 19.66 1.05 -35.45
C ASP E 16 19.41 -0.40 -34.98
N ALA E 17 18.13 -0.73 -34.75
CA ALA E 17 17.65 -1.98 -34.13
C ALA E 17 17.92 -3.20 -35.02
N MET E 18 17.68 -3.02 -36.33
CA MET E 18 17.87 -4.03 -37.39
C MET E 18 19.34 -4.06 -37.84
N GLU E 19 20.00 -2.91 -37.96
CA GLU E 19 21.41 -2.85 -38.45
C GLU E 19 22.25 -3.88 -37.68
N ASN E 20 22.97 -4.72 -38.43
CA ASN E 20 23.88 -5.82 -38.01
C ASN E 20 23.17 -6.76 -37.05
N THR E 21 21.91 -7.08 -37.35
CA THR E 21 21.09 -8.04 -36.57
C THR E 21 20.50 -9.08 -37.51
N LEU E 22 20.42 -10.32 -37.04
CA LEU E 22 19.77 -11.43 -37.74
C LEU E 22 18.62 -11.97 -36.88
N LEU E 23 17.45 -12.17 -37.51
CA LEU E 23 16.27 -12.87 -36.95
C LEU E 23 16.42 -14.38 -37.14
N VAL E 24 16.12 -15.13 -36.08
CA VAL E 24 15.92 -16.61 -36.11
C VAL E 24 14.48 -16.83 -35.66
N SER E 25 13.56 -17.13 -36.59
CA SER E 25 12.13 -17.36 -36.27
C SER E 25 11.94 -18.75 -35.62
N HIS E 26 10.74 -18.98 -35.08
CA HIS E 26 10.19 -20.30 -34.72
C HIS E 26 11.06 -20.97 -33.65
N VAL E 27 11.42 -20.20 -32.63
CA VAL E 27 12.29 -20.71 -31.53
C VAL E 27 11.42 -21.47 -30.51
N LEU E 28 11.71 -22.76 -30.36
CA LEU E 28 10.89 -23.69 -29.54
C LEU E 28 11.19 -23.50 -28.06
N PRO E 29 10.18 -23.76 -27.20
CA PRO E 29 10.29 -23.61 -25.74
C PRO E 29 11.39 -24.38 -24.99
N ASN E 30 11.63 -25.61 -25.44
CA ASN E 30 12.61 -26.58 -24.87
C ASN E 30 14.04 -26.08 -25.07
N ILE E 31 14.24 -25.13 -25.98
CA ILE E 31 15.59 -24.58 -26.32
C ILE E 31 16.06 -23.70 -25.16
N SER E 32 17.14 -24.10 -24.49
CA SER E 32 17.66 -23.40 -23.31
C SER E 32 18.53 -22.24 -23.78
N VAL E 33 18.89 -21.37 -22.86
CA VAL E 33 19.82 -20.21 -23.09
C VAL E 33 21.23 -20.81 -23.18
N ALA E 34 21.59 -21.71 -22.25
CA ALA E 34 22.91 -22.39 -22.19
C ALA E 34 23.27 -22.95 -23.57
N GLN E 35 22.32 -23.61 -24.23
CA GLN E 35 22.46 -24.11 -25.62
C GLN E 35 22.90 -22.99 -26.56
N ILE E 36 22.21 -21.85 -26.50
CA ILE E 36 22.46 -20.67 -27.40
C ILE E 36 23.84 -20.09 -27.09
N HIS E 37 24.23 -20.02 -25.82
CA HIS E 37 25.58 -19.54 -25.40
C HIS E 37 26.67 -20.41 -26.06
N ASN E 38 26.55 -21.74 -25.95
CA ASN E 38 27.49 -22.69 -26.60
C ASN E 38 27.66 -22.30 -28.06
N ALA E 39 26.54 -22.15 -28.78
CA ALA E 39 26.50 -21.89 -30.24
C ALA E 39 27.20 -20.57 -30.61
N LEU E 40 27.14 -19.53 -29.77
CA LEU E 40 27.51 -18.15 -30.17
C LEU E 40 28.69 -17.58 -29.37
N ASP E 41 28.96 -18.06 -28.16
CA ASP E 41 30.08 -17.52 -27.33
C ASP E 41 31.39 -17.64 -28.11
N GLY E 42 31.55 -18.70 -28.89
CA GLY E 42 32.75 -18.97 -29.71
C GLY E 42 32.92 -17.93 -30.79
N ILE E 43 31.84 -17.62 -31.52
CA ILE E 43 31.82 -16.68 -32.68
C ILE E 43 32.15 -15.26 -32.21
N SER E 44 33.33 -14.76 -32.57
CA SER E 44 33.95 -13.54 -31.97
C SER E 44 33.22 -12.25 -32.42
N PHE E 45 32.69 -12.23 -33.65
CA PHE E 45 32.09 -11.02 -34.30
C PHE E 45 30.60 -10.91 -33.91
N VAL E 46 30.10 -11.86 -33.12
CA VAL E 46 28.81 -11.77 -32.37
C VAL E 46 29.07 -11.09 -31.03
N GLN E 47 28.24 -10.13 -30.65
CA GLN E 47 28.39 -9.38 -29.38
C GLN E 47 27.25 -9.68 -28.42
N HIS E 48 26.04 -9.83 -28.94
CA HIS E 48 24.84 -10.05 -28.12
C HIS E 48 23.85 -10.91 -28.89
N PHE E 49 23.06 -11.68 -28.14
CA PHE E 49 21.83 -12.34 -28.61
C PHE E 49 20.74 -11.95 -27.63
N SER E 50 19.50 -11.92 -28.13
CA SER E 50 18.31 -11.45 -27.39
C SER E 50 17.13 -12.32 -27.80
N LEU E 51 16.51 -12.97 -26.82
CA LEU E 51 15.39 -13.92 -27.01
C LEU E 51 14.10 -13.17 -26.65
N SER E 52 13.00 -13.37 -27.38
CA SER E 52 11.73 -12.67 -27.12
C SER E 52 11.00 -13.42 -25.99
N THR E 53 10.03 -12.76 -25.33
CA THR E 53 9.17 -13.36 -24.27
C THR E 53 8.05 -14.15 -24.95
N ILE E 54 7.95 -15.45 -24.67
CA ILE E 54 6.88 -16.34 -25.23
C ILE E 54 5.52 -15.69 -24.98
N ASN E 55 4.57 -15.80 -25.93
CA ASN E 55 3.23 -15.15 -25.85
C ASN E 55 2.14 -16.19 -26.09
N LEU E 56 1.85 -17.03 -25.09
CA LEU E 56 1.20 -18.35 -25.29
C LEU E 56 -0.23 -18.19 -25.83
N ILE E 57 -0.84 -17.02 -25.67
CA ILE E 57 -2.20 -16.71 -26.22
C ILE E 57 -2.12 -16.86 -27.74
N LYS E 58 -0.99 -16.47 -28.33
CA LYS E 58 -0.79 -16.42 -29.80
C LYS E 58 -0.14 -17.74 -30.27
N ASN E 59 0.83 -18.28 -29.53
CA ASN E 59 1.87 -19.14 -30.14
C ASN E 59 2.89 -19.54 -29.07
N ASP E 60 3.49 -20.72 -29.23
CA ASP E 60 4.46 -21.32 -28.27
C ASP E 60 5.91 -20.97 -28.66
N GLU E 61 6.09 -20.12 -29.69
CA GLU E 61 7.39 -19.77 -30.32
C GLU E 61 7.81 -18.37 -29.90
N ARG E 62 9.05 -18.23 -29.43
CA ARG E 62 9.74 -16.92 -29.27
C ARG E 62 10.44 -16.57 -30.59
N SER E 63 11.26 -15.52 -30.56
CA SER E 63 12.17 -15.06 -31.63
C SER E 63 13.55 -14.81 -31.01
N LEU E 64 14.61 -15.22 -31.69
CA LEU E 64 16.01 -14.98 -31.27
C LEU E 64 16.67 -14.02 -32.24
N TRP E 65 17.22 -12.92 -31.72
CA TRP E 65 17.92 -11.89 -32.53
C TRP E 65 19.41 -11.93 -32.19
N VAL E 66 20.24 -12.19 -33.20
CA VAL E 66 21.72 -12.23 -33.03
C VAL E 66 22.28 -10.89 -33.52
N HIS E 67 22.96 -10.21 -32.60
CA HIS E 67 23.50 -8.84 -32.77
C HIS E 67 25.00 -8.98 -33.02
N PHE E 68 25.47 -8.48 -34.14
CA PHE E 68 26.88 -8.65 -34.56
C PHE E 68 27.63 -7.34 -34.28
N LYS E 69 28.95 -7.48 -34.05
CA LYS E 69 29.88 -6.36 -33.84
C LYS E 69 29.81 -5.45 -35.06
N ALA E 70 30.08 -4.14 -34.89
CA ALA E 70 30.01 -3.09 -35.93
C ALA E 70 30.89 -3.49 -37.12
N GLY E 71 30.42 -3.16 -38.33
CA GLY E 71 31.11 -3.44 -39.61
C GLY E 71 31.33 -4.93 -39.78
N THR E 72 30.24 -5.69 -39.89
CA THR E 72 30.27 -7.15 -40.07
C THR E 72 29.59 -7.45 -41.41
N ASN E 73 30.21 -8.29 -42.22
CA ASN E 73 29.59 -8.76 -43.48
C ASN E 73 28.39 -9.62 -43.11
N MET E 74 27.17 -9.15 -43.33
CA MET E 74 25.93 -9.86 -42.91
C MET E 74 25.61 -10.99 -43.87
N ASP E 75 26.58 -11.38 -44.71
CA ASP E 75 26.54 -12.66 -45.46
C ASP E 75 27.51 -13.62 -44.76
N GLY E 76 28.65 -13.10 -44.31
CA GLY E 76 29.59 -13.87 -43.48
C GLY E 76 28.90 -14.33 -42.21
N ALA E 77 27.93 -13.55 -41.73
CA ALA E 77 27.21 -13.73 -40.44
C ALA E 77 26.13 -14.81 -40.59
N LYS E 78 25.29 -14.67 -41.62
CA LYS E 78 24.26 -15.67 -42.01
C LYS E 78 24.95 -17.02 -42.19
N GLU E 79 26.03 -17.06 -42.97
CA GLU E 79 26.80 -18.28 -43.30
C GLU E 79 27.34 -18.90 -42.01
N ALA E 80 27.79 -18.09 -41.06
CA ALA E 80 28.55 -18.53 -39.85
C ALA E 80 27.62 -19.15 -38.80
N VAL E 81 26.31 -18.93 -38.97
CA VAL E 81 25.23 -19.24 -37.99
C VAL E 81 24.29 -20.30 -38.58
N ASP E 82 23.79 -20.05 -39.80
CA ASP E 82 22.96 -21.01 -40.59
C ASP E 82 23.56 -22.40 -40.49
N GLY E 83 22.75 -23.39 -40.10
CA GLY E 83 23.18 -24.80 -40.00
C GLY E 83 23.59 -25.19 -38.60
N ILE E 84 23.77 -24.25 -37.67
CA ILE E 84 24.01 -24.60 -36.24
C ILE E 84 22.76 -25.31 -35.71
N GLN E 85 22.95 -26.50 -35.15
CA GLN E 85 21.90 -27.37 -34.54
C GLN E 85 21.97 -27.18 -33.02
N LEU E 86 21.06 -26.37 -32.47
CA LEU E 86 20.98 -26.05 -31.01
C LEU E 86 20.57 -27.30 -30.24
N ASP E 87 19.60 -28.04 -30.77
CA ASP E 87 19.25 -29.41 -30.34
C ASP E 87 18.78 -30.19 -31.58
N SER E 88 18.52 -31.49 -31.44
CA SER E 88 17.94 -32.38 -32.47
C SER E 88 16.74 -31.73 -33.16
N ASN E 89 15.88 -31.02 -32.42
CA ASN E 89 14.54 -30.57 -32.90
C ASN E 89 14.59 -29.20 -33.61
N PHE E 90 15.62 -28.37 -33.42
CA PHE E 90 15.72 -27.01 -34.03
C PHE E 90 17.15 -26.69 -34.47
N THR E 91 17.32 -26.57 -35.78
CA THR E 91 18.56 -26.08 -36.45
C THR E 91 18.28 -24.65 -36.91
N ILE E 92 19.31 -23.80 -36.88
CA ILE E 92 19.16 -22.33 -37.07
C ILE E 92 19.10 -22.02 -38.56
N GLU E 93 18.15 -21.18 -38.95
CA GLU E 93 18.12 -20.52 -40.27
C GLU E 93 17.89 -19.02 -40.08
N SER E 94 18.94 -18.22 -40.32
CA SER E 94 18.99 -16.75 -40.13
C SER E 94 18.13 -16.07 -41.21
N GLU E 95 17.45 -14.98 -40.84
CA GLU E 95 16.52 -14.22 -41.70
C GLU E 95 16.71 -12.73 -41.43
N ASN E 96 16.45 -11.86 -42.39
CA ASN E 96 16.63 -10.40 -42.21
C ASN E 96 15.62 -9.93 -41.17
N PRO E 97 16.08 -9.22 -40.11
CA PRO E 97 15.23 -8.91 -38.96
C PRO E 97 14.12 -7.91 -39.34
N LYS E 98 12.93 -8.08 -38.77
CA LYS E 98 11.70 -7.32 -39.12
C LYS E 98 11.15 -6.59 -37.91
N ILE E 99 10.41 -5.51 -38.17
CA ILE E 99 9.66 -4.69 -37.17
C ILE E 99 8.31 -4.29 -37.77
N PRO E 100 7.17 -4.55 -37.10
CA PRO E 100 5.85 -4.21 -37.65
C PRO E 100 5.70 -2.75 -38.10
N THR E 101 5.28 -2.54 -39.34
CA THR E 101 5.18 -1.19 -39.99
C THR E 101 3.79 -0.58 -39.77
N HIS E 102 3.55 0.58 -40.40
CA HIS E 102 2.24 1.24 -40.68
C HIS E 102 1.32 1.20 -39.44
N THR E 103 1.88 1.57 -38.27
CA THR E 103 1.23 1.60 -36.94
C THR E 103 1.07 3.07 -36.49
N HIS E 104 0.16 3.33 -35.55
CA HIS E 104 -0.04 4.66 -34.90
C HIS E 104 0.58 4.64 -33.51
N PRO E 105 1.36 5.67 -33.11
CA PRO E 105 1.94 5.70 -31.77
C PRO E 105 0.91 5.37 -30.66
N ILE E 106 1.27 4.47 -29.77
CA ILE E 106 0.40 4.01 -28.64
C ILE E 106 0.13 5.21 -27.74
N PRO E 107 -1.12 5.71 -27.65
CA PRO E 107 -1.40 6.89 -26.85
C PRO E 107 -1.36 6.62 -25.33
N ILE E 108 -0.61 7.43 -24.58
CA ILE E 108 -0.55 7.39 -23.08
C ILE E 108 -1.70 8.22 -22.53
N PHE E 109 -2.27 7.82 -21.40
CA PHE E 109 -3.44 8.50 -20.77
C PHE E 109 -3.06 9.94 -20.41
N GLU E 110 -4.11 10.74 -20.30
CA GLU E 110 -4.07 12.17 -19.97
C GLU E 110 -3.27 12.35 -18.67
N ILE E 111 -3.51 11.51 -17.65
CA ILE E 111 -3.00 11.66 -16.25
C ILE E 111 -1.46 11.63 -16.19
N ALA E 112 -0.79 11.02 -17.16
CA ALA E 112 0.69 10.92 -17.23
C ALA E 112 1.30 12.32 -17.46
N SER E 113 0.48 13.24 -17.96
CA SER E 113 0.86 14.60 -18.38
C SER E 113 0.51 15.61 -17.28
N SER E 114 -0.39 15.25 -16.35
CA SER E 114 -0.79 16.05 -15.14
C SER E 114 0.43 16.22 -14.23
N GLU E 115 0.48 17.30 -13.47
CA GLU E 115 1.75 17.71 -12.86
C GLU E 115 2.13 16.76 -11.74
N GLN E 116 1.18 16.46 -10.86
CA GLN E 116 1.44 15.63 -9.67
C GLN E 116 2.06 14.32 -10.13
N THR E 117 1.40 13.67 -11.10
CA THR E 117 1.78 12.36 -11.68
C THR E 117 3.10 12.50 -12.45
N CYS E 118 3.16 13.43 -13.40
CA CYS E 118 4.35 13.70 -14.23
C CYS E 118 5.60 13.73 -13.36
N LYS E 119 5.48 14.27 -12.14
CA LYS E 119 6.61 14.44 -11.19
C LYS E 119 6.94 13.09 -10.51
N ASN E 120 5.93 12.32 -10.10
CA ASN E 120 6.12 10.97 -9.50
C ASN E 120 6.93 10.14 -10.46
N LEU E 121 6.38 10.00 -11.66
CA LEU E 121 7.02 9.27 -12.78
C LEU E 121 8.46 9.80 -12.92
N LEU E 122 8.64 11.13 -13.01
CA LEU E 122 10.00 11.74 -13.06
C LEU E 122 10.88 11.11 -11.98
N GLU E 123 10.38 10.94 -10.77
CA GLU E 123 11.20 10.38 -9.67
C GLU E 123 11.42 8.90 -9.98
N LYS E 124 10.42 8.24 -10.53
CA LYS E 124 10.51 6.79 -10.87
C LYS E 124 11.46 6.61 -12.06
N LEU E 125 11.51 7.59 -12.97
CA LEU E 125 12.37 7.57 -14.19
C LEU E 125 13.83 7.64 -13.74
N ILE E 126 14.13 8.61 -12.89
CA ILE E 126 15.48 8.75 -12.29
C ILE E 126 15.83 7.40 -11.67
N ARG E 127 14.93 6.79 -10.89
CA ARG E 127 15.24 5.54 -10.14
C ARG E 127 15.57 4.40 -11.10
N PHE E 128 15.05 4.44 -12.33
CA PHE E 128 15.26 3.38 -13.35
C PHE E 128 16.57 3.65 -14.12
N ILE E 129 16.88 4.92 -14.36
CA ILE E 129 18.20 5.34 -14.91
C ILE E 129 19.27 4.76 -13.98
N ASP E 130 19.15 4.99 -12.67
CA ASP E 130 20.16 4.59 -11.65
C ASP E 130 20.20 3.07 -11.53
N ARG E 131 19.03 2.42 -11.64
CA ARG E 131 18.93 0.94 -11.61
C ARG E 131 19.69 0.36 -12.80
N ALA E 132 19.58 1.02 -13.96
CA ALA E 132 20.25 0.60 -15.22
C ALA E 132 21.77 0.76 -15.07
N SER E 133 22.23 1.80 -14.40
CA SER E 133 23.69 2.10 -14.23
C SER E 133 24.38 1.03 -13.37
N THR E 134 23.71 0.52 -12.33
CA THR E 134 24.27 -0.55 -11.47
C THR E 134 24.15 -1.87 -12.23
N LYS E 135 22.97 -2.18 -12.76
CA LYS E 135 22.72 -3.47 -13.44
C LYS E 135 23.73 -3.68 -14.57
N TYR E 136 23.82 -2.72 -15.49
CA TYR E 136 24.60 -2.81 -16.76
C TYR E 136 25.99 -2.17 -16.57
N SER E 137 26.32 -1.72 -15.35
CA SER E 137 27.63 -1.12 -14.99
C SER E 137 27.97 0.04 -15.93
N LEU E 138 27.04 0.99 -16.12
CA LEU E 138 27.19 2.20 -16.96
C LEU E 138 27.59 3.39 -16.09
N PRO E 139 27.96 4.54 -16.68
CA PRO E 139 28.03 5.80 -15.95
C PRO E 139 26.72 6.16 -15.23
N ASN E 140 26.82 6.99 -14.20
CA ASN E 140 25.74 7.34 -13.23
C ASN E 140 25.31 8.79 -13.42
N ASP E 141 25.77 9.43 -14.48
CA ASP E 141 25.57 10.88 -14.72
C ASP E 141 24.59 11.08 -15.88
N ALA E 142 24.05 10.00 -16.46
CA ALA E 142 23.06 10.04 -17.56
C ALA E 142 21.97 11.07 -17.23
N ALA E 143 21.32 10.91 -16.08
CA ALA E 143 20.30 11.82 -15.50
C ALA E 143 20.79 13.28 -15.55
N GLN E 144 21.98 13.56 -15.01
CA GLN E 144 22.57 14.92 -14.96
C GLN E 144 22.76 15.45 -16.40
N ARG E 145 23.35 14.68 -17.30
CA ARG E 145 23.75 15.13 -18.67
C ARG E 145 22.50 15.50 -19.49
N ILE E 146 21.45 14.71 -19.40
CA ILE E 146 20.16 14.95 -20.11
C ILE E 146 19.56 16.28 -19.60
N GLU E 147 19.51 16.45 -18.28
CA GLU E 147 18.87 17.64 -17.67
C GLU E 147 19.68 18.88 -18.04
N ASP E 148 21.00 18.87 -17.80
CA ASP E 148 21.90 20.01 -18.11
C ASP E 148 21.73 20.41 -19.57
N ARG E 149 21.48 19.46 -20.46
CA ARG E 149 21.41 19.75 -21.91
C ARG E 149 20.19 20.62 -22.17
N LEU E 150 19.04 20.20 -21.63
CA LEU E 150 17.72 20.83 -21.90
C LEU E 150 17.69 22.21 -21.23
N LYS E 151 18.22 22.35 -20.01
CA LYS E 151 18.36 23.65 -19.32
C LYS E 151 19.09 24.63 -20.23
N THR E 152 20.23 24.19 -20.77
CA THR E 152 21.11 24.97 -21.69
C THR E 152 20.38 25.21 -23.01
N HIS E 153 20.10 24.17 -23.78
CA HIS E 153 19.58 24.25 -25.17
C HIS E 153 18.06 24.12 -25.15
N ALA E 154 17.34 25.22 -25.43
CA ALA E 154 15.87 25.31 -25.40
C ALA E 154 15.26 24.61 -26.63
N SER E 155 13.93 24.63 -26.74
CA SER E 155 13.16 24.10 -27.89
C SER E 155 12.32 25.21 -28.53
N MET E 156 11.85 25.00 -29.76
CA MET E 156 11.20 26.03 -30.63
C MET E 156 9.69 25.73 -30.72
N LYS E 157 8.86 26.35 -29.87
CA LYS E 157 7.40 26.06 -29.73
C LYS E 157 6.72 27.28 -29.09
N LYS E 162 1.90 24.90 -26.07
CA LYS E 162 2.85 24.48 -25.00
C LYS E 162 2.14 24.51 -23.63
N PRO E 163 2.12 23.40 -22.85
CA PRO E 163 1.51 23.38 -21.51
C PRO E 163 2.39 24.01 -20.41
N THR E 164 1.89 24.04 -19.18
CA THR E 164 2.59 24.61 -17.99
C THR E 164 3.59 23.60 -17.40
N ASN E 165 3.51 22.32 -17.81
CA ASN E 165 4.38 21.21 -17.37
C ASN E 165 5.65 21.10 -18.21
N PHE E 166 5.68 21.79 -19.35
CA PHE E 166 6.62 21.51 -20.45
C PHE E 166 7.98 21.05 -19.90
N HIS E 167 8.67 21.87 -19.11
CA HIS E 167 10.05 21.56 -18.60
C HIS E 167 10.10 20.09 -18.15
N ASP E 168 9.11 19.67 -17.35
CA ASP E 168 9.06 18.30 -16.77
C ASP E 168 8.77 17.29 -17.88
N ILE E 169 7.62 17.43 -18.54
CA ILE E 169 7.19 16.56 -19.67
C ILE E 169 8.39 16.32 -20.60
N ARG E 170 8.99 17.39 -21.11
CA ARG E 170 10.15 17.31 -22.04
C ARG E 170 11.20 16.36 -21.45
N LEU E 171 11.54 16.56 -20.17
CA LEU E 171 12.61 15.82 -19.45
C LEU E 171 12.19 14.36 -19.33
N SER E 172 10.92 14.14 -18.99
CA SER E 172 10.31 12.81 -18.80
C SER E 172 10.41 12.01 -20.10
N ASP E 173 10.02 12.64 -21.23
CA ASP E 173 10.02 12.01 -22.57
C ASP E 173 11.45 11.57 -22.91
N LEU E 174 12.46 12.38 -22.59
CA LEU E 174 13.87 12.08 -22.93
C LEU E 174 14.39 11.02 -21.96
N TYR E 175 14.10 11.17 -20.66
CA TYR E 175 14.40 10.13 -19.64
C TYR E 175 13.75 8.81 -20.08
N ALA E 176 12.52 8.86 -20.60
CA ALA E 176 11.79 7.66 -21.08
C ALA E 176 12.52 7.11 -22.31
N GLU E 177 12.98 8.02 -23.17
CA GLU E 177 13.64 7.73 -24.47
C GLU E 177 15.03 7.17 -24.21
N TYR E 178 15.74 7.70 -23.21
CA TYR E 178 17.04 7.15 -22.78
C TYR E 178 16.86 5.65 -22.54
N LEU E 179 15.97 5.33 -21.61
CA LEU E 179 15.64 3.93 -21.22
C LEU E 179 15.33 3.12 -22.48
N ARG E 180 14.51 3.64 -23.40
CA ARG E 180 14.16 2.92 -24.67
C ARG E 180 15.45 2.56 -25.42
N GLN E 181 16.32 3.53 -25.66
CA GLN E 181 17.51 3.38 -26.53
C GLN E 181 18.63 2.58 -25.85
N VAL E 182 18.77 2.68 -24.52
CA VAL E 182 20.02 2.29 -23.82
C VAL E 182 19.75 1.06 -22.97
N ALA E 183 18.84 1.18 -22.01
CA ALA E 183 18.46 0.09 -21.08
C ALA E 183 17.36 -0.76 -21.69
N THR E 184 16.98 -0.52 -22.95
CA THR E 184 15.85 -1.19 -23.68
C THR E 184 14.76 -1.51 -22.67
N PHE E 185 14.12 -0.45 -22.13
CA PHE E 185 13.11 -0.50 -21.06
C PHE E 185 11.92 0.38 -21.47
N ASP E 186 10.73 -0.22 -21.57
CA ASP E 186 9.48 0.47 -21.98
C ASP E 186 8.78 0.96 -20.73
N PHE E 187 9.31 2.04 -20.15
CA PHE E 187 8.81 2.65 -18.90
C PHE E 187 7.28 2.63 -18.85
N TRP E 188 6.62 2.81 -20.00
CA TRP E 188 5.14 2.97 -20.03
C TRP E 188 4.44 1.65 -19.68
N THR E 189 5.03 0.48 -20.00
CA THR E 189 4.47 -0.88 -19.71
C THR E 189 5.26 -1.56 -18.59
N SER E 190 6.28 -0.89 -18.05
CA SER E 190 7.24 -1.46 -17.07
C SER E 190 7.82 -2.78 -17.56
N LYS E 191 8.04 -2.93 -18.87
CA LYS E 191 8.70 -4.14 -19.42
C LYS E 191 10.18 -3.84 -19.65
N GLU E 192 11.08 -4.65 -19.11
CA GLU E 192 12.50 -4.73 -19.53
C GLU E 192 12.51 -5.65 -20.74
N TYR E 193 13.41 -5.42 -21.70
CA TYR E 193 13.64 -6.24 -22.92
C TYR E 193 15.14 -6.50 -23.04
N GLU E 194 15.54 -7.45 -23.89
CA GLU E 194 16.96 -7.89 -24.03
C GLU E 194 17.63 -7.15 -25.19
N SER E 195 16.87 -6.42 -26.03
CA SER E 195 17.40 -5.69 -27.20
C SER E 195 16.36 -4.71 -27.74
N LEU E 196 16.82 -3.69 -28.46
CA LEU E 196 15.98 -2.61 -29.03
C LEU E 196 14.88 -3.20 -29.92
N ILE E 197 15.23 -4.10 -30.83
CA ILE E 197 14.27 -4.73 -31.78
C ILE E 197 13.13 -5.37 -30.98
N ALA E 198 13.45 -6.09 -29.91
CA ALA E 198 12.50 -6.87 -29.07
C ALA E 198 11.45 -5.90 -28.51
N LEU E 199 11.92 -4.78 -27.96
CA LEU E 199 11.08 -3.69 -27.43
C LEU E 199 10.11 -3.23 -28.53
N LEU E 200 10.66 -2.92 -29.70
CA LEU E 200 9.96 -2.24 -30.82
C LEU E 200 8.94 -3.19 -31.47
N GLN E 201 8.86 -4.45 -31.04
CA GLN E 201 7.73 -5.35 -31.39
C GLN E 201 6.42 -4.77 -30.84
N ASP E 202 6.45 -4.15 -29.66
CA ASP E 202 5.22 -3.79 -28.89
C ASP E 202 4.99 -2.28 -28.94
N SER E 203 6.00 -1.52 -29.32
CA SER E 203 5.92 -0.04 -29.44
C SER E 203 6.69 0.46 -30.65
N PRO E 204 6.42 -0.06 -31.86
CA PRO E 204 7.18 0.29 -33.06
C PRO E 204 7.01 1.76 -33.49
N ALA E 205 5.81 2.30 -33.29
CA ALA E 205 5.53 3.73 -33.58
C ALA E 205 5.91 4.59 -32.38
N GLY E 206 6.40 3.96 -31.31
CA GLY E 206 6.61 4.64 -30.02
C GLY E 206 5.26 4.98 -29.43
N TYR E 207 5.22 6.05 -28.63
CA TYR E 207 4.02 6.48 -27.87
C TYR E 207 3.69 7.94 -28.19
N SER E 208 2.49 8.36 -27.79
CA SER E 208 2.03 9.76 -27.83
C SER E 208 1.43 10.13 -26.45
N ARG E 209 1.26 11.43 -26.21
CA ARG E 209 0.64 11.97 -24.97
C ARG E 209 -0.72 12.58 -25.31
N LYS E 210 -1.78 12.14 -24.62
CA LYS E 210 -3.10 12.80 -24.67
C LYS E 210 -3.02 14.04 -23.78
N LYS E 211 -3.47 15.20 -24.28
CA LYS E 211 -3.25 16.54 -23.67
C LYS E 211 -4.05 16.60 -22.37
N PHE E 212 -3.53 17.27 -21.35
CA PHE E 212 -4.20 17.45 -20.04
C PHE E 212 -5.06 18.72 -20.10
N ASN E 213 -6.39 18.57 -19.99
CA ASN E 213 -7.34 19.69 -19.78
C ASN E 213 -7.45 19.93 -18.28
N PRO E 214 -6.97 21.09 -17.78
CA PRO E 214 -6.99 21.35 -16.34
C PRO E 214 -8.45 21.43 -15.89
N SER E 215 -9.30 21.99 -16.75
CA SER E 215 -10.78 22.10 -16.59
C SER E 215 -11.35 20.77 -16.08
N LYS E 216 -10.83 19.64 -16.57
CA LYS E 216 -11.28 18.28 -16.15
C LYS E 216 -10.67 17.97 -14.78
N GLU E 217 -11.51 17.65 -13.80
CA GLU E 217 -11.09 17.10 -12.48
C GLU E 217 -11.84 15.80 -12.23
N VAL E 218 -11.21 14.87 -11.50
CA VAL E 218 -11.80 13.60 -10.98
C VAL E 218 -11.90 13.72 -9.45
N GLY E 219 -12.81 14.59 -8.97
CA GLY E 219 -13.11 14.83 -7.54
C GLY E 219 -11.93 14.56 -6.63
N GLN E 220 -10.79 15.19 -6.91
CA GLN E 220 -9.49 14.93 -6.26
C GLN E 220 -9.68 14.96 -4.74
N GLU E 221 -10.46 15.92 -4.25
CA GLU E 221 -10.73 16.04 -2.79
C GLU E 221 -11.31 14.72 -2.28
N GLU E 222 -12.28 14.16 -3.01
CA GLU E 222 -13.06 12.96 -2.57
C GLU E 222 -12.12 11.76 -2.48
N ASN E 223 -11.31 11.54 -3.51
CA ASN E 223 -10.39 10.37 -3.54
C ASN E 223 -9.38 10.51 -2.39
N ILE E 224 -9.03 11.75 -2.02
CA ILE E 224 -8.10 12.07 -0.89
C ILE E 224 -8.80 11.70 0.42
N TRP E 225 -9.94 12.30 0.69
CA TRP E 225 -10.72 12.08 1.92
C TRP E 225 -10.84 10.58 2.16
N LEU E 226 -11.24 9.86 1.12
CA LEU E 226 -11.46 8.38 1.16
C LEU E 226 -10.14 7.69 1.44
N SER E 227 -9.09 8.09 0.71
CA SER E 227 -7.73 7.57 0.90
C SER E 227 -7.34 7.76 2.37
N ASP E 228 -7.39 9.00 2.85
CA ASP E 228 -6.99 9.36 4.24
C ASP E 228 -7.79 8.48 5.21
N LEU E 229 -9.09 8.32 4.95
CA LEU E 229 -10.00 7.60 5.85
C LEU E 229 -9.58 6.14 5.90
N GLU E 230 -9.27 5.54 4.76
CA GLU E 230 -8.84 4.12 4.66
C GLU E 230 -7.51 3.94 5.38
N ASN E 231 -6.57 4.86 5.17
CA ASN E 231 -5.26 4.86 5.87
C ASN E 231 -5.55 4.90 7.37
N ASN E 232 -6.49 5.74 7.80
CA ASN E 232 -6.91 5.81 9.23
C ASN E 232 -7.43 4.44 9.70
N PHE E 233 -8.27 3.76 8.92
CA PHE E 233 -8.86 2.47 9.33
C PHE E 233 -7.74 1.46 9.54
N ALA E 234 -6.71 1.51 8.68
CA ALA E 234 -5.60 0.53 8.69
C ALA E 234 -4.85 0.67 10.01
N CYS E 235 -4.71 1.90 10.51
CA CYS E 235 -4.02 2.19 11.79
C CYS E 235 -4.71 1.44 12.93
N LEU E 236 -6.03 1.24 12.83
CA LEU E 236 -6.82 0.57 13.89
C LEU E 236 -6.94 -0.92 13.58
N LEU E 237 -7.27 -1.29 12.34
CA LEU E 237 -7.53 -2.71 11.95
C LEU E 237 -6.22 -3.48 11.67
N GLU E 238 -5.18 -2.85 11.10
CA GLU E 238 -3.98 -3.58 10.61
C GLU E 238 -2.70 -2.84 11.00
N PRO E 239 -2.53 -2.42 12.26
CA PRO E 239 -1.38 -1.60 12.65
C PRO E 239 -0.03 -2.23 12.27
N GLU E 240 0.07 -3.55 12.42
CA GLU E 240 1.28 -4.35 12.07
C GLU E 240 1.66 -4.13 10.59
N ASN E 241 0.68 -3.96 9.70
CA ASN E 241 0.87 -3.85 8.22
C ASN E 241 1.13 -2.40 7.81
N VAL E 242 0.88 -1.45 8.71
CA VAL E 242 1.03 -0.01 8.39
C VAL E 242 2.52 0.31 8.33
N ASP E 243 2.94 1.21 7.42
CA ASP E 243 4.33 1.67 7.27
C ASP E 243 4.65 2.74 8.33
N ILE E 244 5.00 2.29 9.54
CA ILE E 244 5.40 3.15 10.68
C ILE E 244 6.50 4.14 10.24
N LYS E 245 7.55 3.67 9.56
CA LYS E 245 8.71 4.54 9.21
C LYS E 245 8.21 5.79 8.49
N ALA E 246 7.33 5.61 7.49
CA ALA E 246 6.79 6.70 6.65
C ALA E 246 6.03 7.72 7.51
N LYS E 247 5.44 7.27 8.63
CA LYS E 247 4.63 8.11 9.56
C LYS E 247 5.52 8.74 10.63
N GLY E 248 6.84 8.54 10.54
CA GLY E 248 7.85 9.27 11.32
C GLY E 248 8.11 8.62 12.67
N ALA E 249 7.85 7.33 12.78
CA ALA E 249 8.11 6.54 14.01
C ALA E 249 9.03 5.37 13.65
N LEU E 250 9.45 4.60 14.64
CA LEU E 250 10.23 3.34 14.45
C LEU E 250 9.70 2.30 15.40
N PRO E 251 9.76 1.00 15.04
CA PRO E 251 9.44 -0.07 15.99
C PRO E 251 10.30 0.17 17.23
N VAL E 252 9.80 -0.16 18.41
CA VAL E 252 10.36 0.33 19.70
C VAL E 252 11.86 0.00 19.76
N GLU E 253 12.23 -1.27 19.59
CA GLU E 253 13.63 -1.73 19.79
C GLU E 253 14.55 -0.96 18.82
N ASP E 254 14.12 -0.75 17.57
CA ASP E 254 14.93 -0.08 16.50
C ASP E 254 15.18 1.38 16.90
N PHE E 255 14.10 2.09 17.23
CA PHE E 255 14.16 3.47 17.75
C PHE E 255 15.30 3.56 18.76
N ILE E 256 15.27 2.68 19.77
CA ILE E 256 16.18 2.69 20.96
C ILE E 256 17.61 2.42 20.47
N ASN E 257 17.80 1.39 19.63
CA ASN E 257 19.12 1.02 19.08
C ASN E 257 19.69 2.19 18.27
N ASN E 258 18.85 2.94 17.53
CA ASN E 258 19.31 4.08 16.68
C ASN E 258 19.82 5.22 17.56
N GLU E 259 19.29 5.36 18.78
CA GLU E 259 19.69 6.40 19.77
C GLU E 259 21.07 6.06 20.34
N LEU E 260 21.24 4.81 20.76
CA LEU E 260 22.52 4.30 21.32
C LEU E 260 23.60 4.44 20.24
N ASP E 261 23.28 4.11 18.99
CA ASP E 261 24.20 4.22 17.82
C ASP E 261 24.62 5.67 17.59
N SER E 262 23.91 6.65 18.17
CA SER E 262 24.25 8.09 18.06
C SER E 262 25.17 8.51 19.22
N VAL E 263 24.82 8.12 20.45
CA VAL E 263 25.48 8.56 21.70
C VAL E 263 26.72 7.70 22.00
N ILE E 264 27.06 6.75 21.11
CA ILE E 264 28.29 5.90 21.20
C ILE E 264 29.24 6.27 20.04
N MET E 265 30.30 7.03 20.32
CA MET E 265 31.32 7.46 19.31
C MET E 265 32.63 6.71 19.55
N LYS E 266 32.89 5.71 18.70
CA LYS E 266 34.16 4.94 18.65
C LYS E 266 35.31 5.86 18.27
N GLU E 267 36.36 5.91 19.10
CA GLU E 267 37.50 6.85 18.95
C GLU E 267 38.69 6.17 18.27
N ASP E 268 38.79 4.83 18.30
CA ASP E 268 39.85 4.12 17.55
C ASP E 268 39.33 2.74 17.10
N GLU E 269 39.79 1.66 17.72
CA GLU E 269 39.55 0.26 17.28
C GLU E 269 38.94 -0.53 18.43
N GLN E 270 39.50 -0.39 19.63
CA GLN E 270 38.85 -0.82 20.90
C GLN E 270 38.84 0.39 21.83
N LYS E 271 38.31 1.52 21.36
CA LYS E 271 38.11 2.75 22.16
C LYS E 271 36.75 3.36 21.82
N TYR E 272 35.75 3.13 22.68
CA TYR E 272 34.33 3.54 22.49
C TYR E 272 33.91 4.50 23.61
N ARG E 273 33.54 5.74 23.27
CA ARG E 273 33.13 6.78 24.24
C ARG E 273 31.60 6.92 24.30
N CYS E 274 31.09 7.09 25.53
CA CYS E 274 29.69 7.43 25.91
C CYS E 274 29.52 8.96 25.91
N HIS E 275 28.65 9.49 25.04
CA HIS E 275 28.42 10.95 24.82
C HIS E 275 27.10 11.40 25.46
N VAL E 276 26.49 10.55 26.30
CA VAL E 276 25.23 10.83 27.05
C VAL E 276 25.52 11.86 28.15
N GLY E 277 24.89 13.03 28.07
CA GLY E 277 25.10 14.17 29.00
C GLY E 277 26.58 14.43 29.23
N THR E 278 26.94 14.92 30.43
CA THR E 278 28.34 15.18 30.84
C THR E 278 29.01 13.86 31.22
N CYS E 279 29.30 13.03 30.22
CA CYS E 279 30.07 11.76 30.36
C CYS E 279 31.12 11.75 29.26
N ALA E 280 32.23 11.02 29.49
CA ALA E 280 33.30 10.79 28.51
C ALA E 280 34.04 9.48 28.79
N LYS E 281 33.42 8.54 29.52
CA LYS E 281 34.01 7.21 29.83
C LYS E 281 34.25 6.44 28.52
N LEU E 282 35.33 5.64 28.47
CA LEU E 282 35.81 4.90 27.27
C LEU E 282 35.76 3.39 27.53
N PHE E 283 35.39 2.58 26.52
CA PHE E 283 35.19 1.11 26.66
C PHE E 283 35.81 0.36 25.47
N LEU E 284 36.20 -0.91 25.70
CA LEU E 284 36.75 -1.85 24.69
C LEU E 284 35.78 -1.95 23.51
N GLY E 285 34.52 -2.29 23.81
CA GLY E 285 33.45 -2.51 22.83
C GLY E 285 32.26 -1.58 23.06
N PRO E 286 31.36 -1.46 22.06
CA PRO E 286 30.20 -0.58 22.17
C PRO E 286 29.13 -1.14 23.12
N GLU E 287 29.00 -2.48 23.18
CA GLU E 287 28.01 -3.17 24.03
C GLU E 287 28.41 -3.02 25.50
N PHE E 288 29.69 -2.77 25.77
CA PHE E 288 30.23 -2.44 27.12
C PHE E 288 29.73 -1.05 27.56
N VAL E 289 29.56 -0.15 26.59
CA VAL E 289 28.98 1.21 26.75
C VAL E 289 27.47 1.04 26.97
N ARG E 290 26.79 0.29 26.09
CA ARG E 290 25.33 0.00 26.14
C ARG E 290 24.94 -0.46 27.54
N LYS E 291 25.79 -1.23 28.22
CA LYS E 291 25.61 -1.62 29.65
C LYS E 291 25.76 -0.38 30.54
N HIS E 292 26.91 0.30 30.44
CA HIS E 292 27.27 1.54 31.18
C HIS E 292 26.08 2.51 31.19
N ILE E 293 25.51 2.73 30.00
CA ILE E 293 24.26 3.50 29.75
C ILE E 293 23.16 2.97 30.69
N ASN E 294 22.90 1.66 30.67
CA ASN E 294 21.86 0.99 31.51
C ASN E 294 22.15 1.19 33.00
N LYS E 295 23.42 1.06 33.43
CA LYS E 295 23.79 1.18 34.86
C LYS E 295 23.74 2.65 35.28
N LYS E 296 24.61 3.48 34.69
CA LYS E 296 24.81 4.89 35.10
C LYS E 296 23.63 5.76 34.60
N HIS E 297 23.39 5.81 33.29
CA HIS E 297 22.42 6.71 32.64
C HIS E 297 21.04 6.05 32.47
N LYS E 298 20.58 5.26 33.45
CA LYS E 298 19.22 4.64 33.43
C LYS E 298 18.19 5.72 33.07
N ASP E 299 18.07 6.75 33.92
CA ASP E 299 17.10 7.87 33.75
C ASP E 299 16.98 8.22 32.26
N TRP E 300 18.11 8.46 31.59
CA TRP E 300 18.14 8.83 30.15
C TRP E 300 17.54 7.71 29.29
N LEU E 301 17.89 6.47 29.56
CA LEU E 301 17.37 5.29 28.81
C LEU E 301 15.88 5.15 29.07
N ASP E 302 15.43 5.22 30.34
CA ASP E 302 13.99 5.13 30.72
C ASP E 302 13.20 6.08 29.79
N HIS E 303 13.65 7.33 29.66
CA HIS E 303 13.01 8.39 28.82
C HIS E 303 12.97 8.00 27.34
N ILE E 304 14.09 7.51 26.80
CA ILE E 304 14.21 7.11 25.37
C ILE E 304 13.20 6.01 25.05
N LYS E 305 13.10 4.98 25.90
CA LYS E 305 12.27 3.78 25.59
C LYS E 305 10.80 4.13 25.83
N LYS E 306 10.53 5.15 26.62
CA LYS E 306 9.17 5.74 26.83
C LYS E 306 8.75 6.45 25.54
N VAL E 307 9.59 7.37 25.06
CA VAL E 307 9.36 8.22 23.86
C VAL E 307 9.14 7.35 22.62
N ALA E 308 9.82 6.19 22.54
CA ALA E 308 9.77 5.28 21.37
C ALA E 308 8.39 4.62 21.29
N ILE E 309 7.88 4.23 22.46
CA ILE E 309 6.60 3.48 22.65
C ILE E 309 5.44 4.41 22.33
N CYS E 310 5.47 5.63 22.88
CA CYS E 310 4.43 6.66 22.68
C CYS E 310 4.41 7.14 21.22
N LEU E 311 5.57 7.45 20.65
CA LEU E 311 5.73 7.84 19.22
C LEU E 311 5.09 6.77 18.33
N TYR E 312 5.31 5.51 18.65
CA TYR E 312 4.69 4.38 17.91
C TYR E 312 3.16 4.52 18.08
N GLY E 313 2.68 4.53 19.32
CA GLY E 313 1.25 4.61 19.63
C GLY E 313 0.59 5.83 18.98
N TYR E 314 1.27 6.99 19.07
CA TYR E 314 0.81 8.32 18.60
C TYR E 314 0.53 8.28 17.10
N VAL E 315 1.53 7.96 16.28
CA VAL E 315 1.45 8.01 14.79
C VAL E 315 0.32 7.09 14.32
N LEU E 316 -0.03 6.06 15.10
CA LEU E 316 -1.07 5.06 14.75
C LEU E 316 -2.45 5.49 15.25
N ASP E 317 -2.55 6.58 16.02
CA ASP E 317 -3.84 7.14 16.52
C ASP E 317 -4.44 8.07 15.46
N PRO E 318 -5.50 7.61 14.74
CA PRO E 318 -6.06 8.32 13.60
C PRO E 318 -6.52 9.75 13.94
N CYS E 319 -7.10 9.94 15.12
CA CYS E 319 -7.65 11.24 15.55
C CYS E 319 -6.93 11.68 16.82
N ARG E 320 -5.61 11.68 16.76
CA ARG E 320 -4.70 12.19 17.83
C ARG E 320 -4.76 13.71 17.82
N ALA E 321 -4.38 14.35 18.93
CA ALA E 321 -4.24 15.81 19.05
C ALA E 321 -2.93 16.15 18.34
N MET E 322 -2.80 17.35 17.79
CA MET E 322 -1.68 17.70 16.90
C MET E 322 -1.19 19.11 17.20
N ASP E 323 0.11 19.35 16.98
CA ASP E 323 0.73 20.68 17.17
C ASP E 323 -0.15 21.67 16.43
N PRO E 324 -0.59 22.78 17.05
CA PRO E 324 -1.21 23.87 16.29
C PRO E 324 -0.29 24.37 15.15
N LYS E 325 1.04 24.26 15.32
CA LYS E 325 2.04 24.77 14.34
C LYS E 325 1.93 23.98 13.02
N VAL E 326 1.46 22.73 13.06
CA VAL E 326 1.32 21.85 11.86
C VAL E 326 -0.14 21.87 11.36
N VAL E 327 -0.91 22.91 11.69
CA VAL E 327 -2.24 23.18 11.07
C VAL E 327 -2.32 24.66 10.68
N SER E 328 -2.85 24.96 9.49
CA SER E 328 -2.90 26.33 8.91
C SER E 328 -1.59 27.09 9.19
N GLN F 5 -35.60 21.21 12.78
CA GLN F 5 -35.94 20.34 13.95
C GLN F 5 -35.22 19.00 13.87
N LEU F 6 -34.50 18.61 14.93
CA LEU F 6 -33.71 17.34 15.01
C LEU F 6 -34.63 16.15 14.69
N SER F 7 -34.09 15.12 14.02
CA SER F 7 -34.81 13.86 13.74
C SER F 7 -35.08 13.11 15.04
N LYS F 8 -36.02 12.18 15.02
CA LYS F 8 -36.29 11.30 16.18
C LYS F 8 -34.96 10.68 16.63
N TRP F 9 -34.21 10.08 15.71
CA TRP F 9 -32.96 9.36 16.04
C TRP F 9 -31.94 10.33 16.64
N ASN F 10 -31.77 11.52 16.06
CA ASN F 10 -30.79 12.56 16.52
C ASN F 10 -31.27 13.14 17.85
N GLN F 11 -32.55 13.49 17.96
CA GLN F 11 -33.15 13.99 19.21
C GLN F 11 -33.00 12.91 20.30
N ASP F 12 -33.26 11.64 19.97
CA ASP F 12 -33.19 10.49 20.91
C ASP F 12 -31.73 10.27 21.35
N SER F 13 -30.79 10.29 20.40
CA SER F 13 -29.32 10.22 20.64
C SER F 13 -28.92 11.29 21.65
N ARG F 14 -29.35 12.52 21.38
CA ARG F 14 -29.12 13.71 22.23
C ARG F 14 -29.57 13.41 23.66
N ASN F 15 -30.83 13.00 23.87
CA ASN F 15 -31.43 12.79 25.22
C ASN F 15 -30.71 11.65 25.96
N ASP F 16 -30.58 10.50 25.30
CA ASP F 16 -29.80 9.34 25.80
C ASP F 16 -28.44 9.81 26.31
N ALA F 17 -27.66 10.48 25.46
CA ALA F 17 -26.27 10.90 25.73
C ALA F 17 -26.17 11.76 27.00
N MET F 18 -27.18 12.59 27.25
CA MET F 18 -27.22 13.52 28.40
C MET F 18 -27.78 12.81 29.63
N GLU F 19 -28.69 11.85 29.45
CA GLU F 19 -29.41 11.22 30.58
C GLU F 19 -28.42 10.55 31.54
N ASN F 20 -28.60 10.84 32.84
CA ASN F 20 -27.83 10.32 34.01
C ASN F 20 -26.35 10.56 33.79
N THR F 21 -26.00 11.70 33.20
CA THR F 21 -24.60 12.19 33.04
C THR F 21 -24.43 13.62 33.56
N LEU F 22 -23.32 13.86 34.25
CA LEU F 22 -22.88 15.21 34.67
C LEU F 22 -21.67 15.60 33.83
N LEU F 23 -21.62 16.86 33.38
CA LEU F 23 -20.40 17.52 32.81
C LEU F 23 -19.52 18.01 33.95
N VAL F 24 -18.21 17.88 33.78
CA VAL F 24 -17.14 18.44 34.65
C VAL F 24 -16.16 19.22 33.76
N SER F 25 -16.26 20.55 33.76
CA SER F 25 -15.55 21.43 32.79
C SER F 25 -14.15 21.80 33.29
N HIS F 26 -13.26 22.14 32.34
CA HIS F 26 -11.93 22.76 32.58
C HIS F 26 -10.93 21.74 33.16
N VAL F 27 -10.97 20.49 32.68
CA VAL F 27 -10.10 19.39 33.19
C VAL F 27 -8.68 19.60 32.67
N LEU F 28 -7.75 19.82 33.59
CA LEU F 28 -6.38 20.30 33.28
C LEU F 28 -5.57 19.17 32.66
N PRO F 29 -4.52 19.50 31.85
CA PRO F 29 -3.57 18.51 31.31
C PRO F 29 -2.88 17.58 32.31
N ASN F 30 -2.59 18.07 33.51
CA ASN F 30 -1.78 17.36 34.54
C ASN F 30 -2.61 16.25 35.20
N ILE F 31 -3.94 16.30 35.06
CA ILE F 31 -4.87 15.36 35.74
C ILE F 31 -4.83 14.00 35.03
N SER F 32 -4.51 12.94 35.75
CA SER F 32 -4.35 11.57 35.20
C SER F 32 -5.64 10.78 35.36
N VAL F 33 -5.79 9.69 34.60
CA VAL F 33 -6.94 8.75 34.64
C VAL F 33 -6.96 7.96 35.96
N ALA F 34 -5.80 7.71 36.57
CA ALA F 34 -5.68 6.95 37.84
C ALA F 34 -6.31 7.78 38.96
N GLN F 35 -5.99 9.08 38.97
CA GLN F 35 -6.53 10.11 39.91
C GLN F 35 -8.06 10.06 39.88
N ILE F 36 -8.63 9.89 38.68
CA ILE F 36 -10.10 9.86 38.44
C ILE F 36 -10.64 8.49 38.86
N HIS F 37 -9.93 7.40 38.58
CA HIS F 37 -10.34 6.05 39.02
C HIS F 37 -10.41 6.00 40.55
N ASN F 38 -9.45 6.65 41.24
CA ASN F 38 -9.48 6.83 42.72
C ASN F 38 -10.82 7.42 43.13
N ALA F 39 -11.08 8.65 42.70
CA ALA F 39 -12.24 9.49 43.08
C ALA F 39 -13.57 8.76 42.88
N LEU F 40 -13.69 7.89 41.87
CA LEU F 40 -14.99 7.45 41.34
C LEU F 40 -15.20 5.95 41.52
N ASP F 41 -14.15 5.12 41.50
CA ASP F 41 -14.33 3.66 41.65
C ASP F 41 -15.04 3.37 42.97
N GLY F 42 -14.67 4.11 44.04
CA GLY F 42 -15.29 3.99 45.37
C GLY F 42 -16.80 4.18 45.32
N ILE F 43 -17.27 5.12 44.49
CA ILE F 43 -18.71 5.43 44.30
C ILE F 43 -19.36 4.30 43.49
N SER F 44 -20.51 3.79 43.94
CA SER F 44 -21.15 2.56 43.40
C SER F 44 -22.12 2.89 42.27
N PHE F 45 -22.78 4.06 42.32
CA PHE F 45 -23.87 4.44 41.38
C PHE F 45 -23.29 5.16 40.14
N VAL F 46 -21.95 5.28 40.06
CA VAL F 46 -21.18 5.63 38.83
C VAL F 46 -20.89 4.32 38.10
N GLN F 47 -21.23 4.23 36.82
CA GLN F 47 -20.90 3.04 35.99
C GLN F 47 -19.71 3.31 35.07
N HIS F 48 -19.58 4.54 34.58
CA HIS F 48 -18.56 4.91 33.57
C HIS F 48 -18.27 6.41 33.60
N PHE F 49 -17.05 6.76 33.18
CA PHE F 49 -16.58 8.16 33.01
C PHE F 49 -15.84 8.26 31.68
N SER F 50 -15.97 9.42 31.04
CA SER F 50 -15.45 9.74 29.68
C SER F 50 -14.67 11.06 29.70
N LEU F 51 -13.60 11.10 28.91
CA LEU F 51 -12.63 12.21 28.86
C LEU F 51 -12.47 12.59 27.40
N SER F 52 -12.81 13.83 27.02
CA SER F 52 -12.64 14.34 25.64
C SER F 52 -11.16 14.36 25.29
N THR F 53 -10.81 14.19 24.02
CA THR F 53 -9.41 14.28 23.53
C THR F 53 -9.01 15.76 23.47
N ILE F 54 -7.86 16.09 24.04
CA ILE F 54 -7.34 17.48 24.13
C ILE F 54 -7.21 18.05 22.71
N ASN F 55 -7.54 19.33 22.54
CA ASN F 55 -7.38 20.03 21.25
C ASN F 55 -6.65 21.35 21.49
N LEU F 56 -5.34 21.37 21.23
CA LEU F 56 -4.41 22.42 21.73
C LEU F 56 -4.61 23.73 20.97
N ILE F 57 -5.09 23.66 19.72
CA ILE F 57 -5.35 24.85 18.88
C ILE F 57 -6.35 25.73 19.64
N LYS F 58 -7.33 25.10 20.28
CA LYS F 58 -8.31 25.79 21.15
C LYS F 58 -7.67 26.03 22.52
N ASN F 59 -7.27 25.00 23.26
CA ASN F 59 -6.69 25.14 24.63
C ASN F 59 -6.33 23.80 25.29
N ASP F 60 -5.83 23.88 26.52
CA ASP F 60 -5.17 22.79 27.29
C ASP F 60 -6.24 21.96 28.00
N GLU F 61 -7.44 22.52 28.16
CA GLU F 61 -8.54 21.90 28.95
C GLU F 61 -9.25 20.80 28.12
N ARG F 62 -9.63 19.72 28.79
CA ARG F 62 -10.58 18.69 28.28
C ARG F 62 -11.90 18.81 29.05
N SER F 63 -12.83 17.88 28.81
CA SER F 63 -14.15 17.74 29.47
C SER F 63 -14.23 16.35 30.10
N LEU F 64 -14.76 16.25 31.32
CA LEU F 64 -14.96 14.94 31.99
C LEU F 64 -16.45 14.73 32.20
N TRP F 65 -16.95 13.58 31.79
CA TRP F 65 -18.37 13.18 31.92
C TRP F 65 -18.48 11.97 32.85
N VAL F 66 -19.38 12.04 33.82
CA VAL F 66 -19.64 10.93 34.78
C VAL F 66 -21.03 10.33 34.48
N HIS F 67 -21.03 9.07 34.04
CA HIS F 67 -22.27 8.37 33.63
C HIS F 67 -22.71 7.54 34.82
N PHE F 68 -23.93 7.75 35.30
CA PHE F 68 -24.44 7.12 36.53
C PHE F 68 -25.31 5.93 36.15
N LYS F 69 -25.41 4.96 37.06
CA LYS F 69 -26.27 3.76 36.91
C LYS F 69 -27.72 4.24 36.78
N ALA F 70 -28.55 3.48 36.09
CA ALA F 70 -29.96 3.82 35.78
C ALA F 70 -30.72 4.12 37.08
N GLY F 71 -31.66 5.06 37.02
CA GLY F 71 -32.50 5.46 38.16
C GLY F 71 -31.62 6.01 39.27
N THR F 72 -30.67 6.87 38.92
CA THR F 72 -29.83 7.61 39.89
C THR F 72 -30.40 9.02 40.04
N ASN F 73 -30.80 9.38 41.26
CA ASN F 73 -31.19 10.76 41.65
C ASN F 73 -30.00 11.69 41.37
N MET F 74 -30.14 12.58 40.40
CA MET F 74 -29.01 13.39 39.88
C MET F 74 -28.71 14.59 40.80
N ASP F 75 -29.52 14.83 41.83
CA ASP F 75 -29.17 15.77 42.94
C ASP F 75 -28.14 15.09 43.84
N GLY F 76 -28.38 13.82 44.18
CA GLY F 76 -27.45 13.00 44.98
C GLY F 76 -26.13 12.85 44.26
N ALA F 77 -26.18 12.75 42.93
CA ALA F 77 -25.01 12.52 42.06
C ALA F 77 -24.05 13.71 42.17
N LYS F 78 -24.54 14.92 41.91
CA LYS F 78 -23.80 16.17 42.12
C LYS F 78 -23.25 16.19 43.54
N GLU F 79 -24.15 16.00 44.52
CA GLU F 79 -23.83 16.01 45.98
C GLU F 79 -22.67 15.02 46.24
N ALA F 80 -22.63 13.88 45.54
CA ALA F 80 -21.71 12.75 45.80
C ALA F 80 -20.30 13.02 45.24
N VAL F 81 -20.20 13.96 44.31
CA VAL F 81 -19.00 14.16 43.42
C VAL F 81 -18.40 15.55 43.68
N ASP F 82 -19.24 16.59 43.73
CA ASP F 82 -18.88 18.02 43.94
C ASP F 82 -17.98 18.14 45.18
N GLY F 83 -16.83 18.77 45.01
CA GLY F 83 -15.86 19.03 46.10
C GLY F 83 -14.69 18.07 46.09
N ILE F 84 -14.73 17.03 45.25
CA ILE F 84 -13.63 16.01 45.20
C ILE F 84 -12.37 16.65 44.60
N GLN F 85 -11.27 16.64 45.36
CA GLN F 85 -9.95 17.18 44.91
C GLN F 85 -9.13 16.09 44.24
N LEU F 86 -9.13 16.06 42.91
CA LEU F 86 -8.36 15.08 42.10
C LEU F 86 -6.86 15.34 42.27
N ASP F 87 -6.45 16.60 42.17
CA ASP F 87 -5.12 17.06 42.62
C ASP F 87 -5.27 18.50 43.10
N SER F 88 -4.34 18.93 43.95
CA SER F 88 -4.28 20.26 44.62
C SER F 88 -4.91 21.35 43.75
N ASN F 89 -4.60 21.36 42.43
CA ASN F 89 -4.92 22.48 41.50
C ASN F 89 -6.32 22.31 40.85
N PHE F 90 -7.05 21.22 41.13
CA PHE F 90 -8.37 20.93 40.51
C PHE F 90 -9.29 20.18 41.48
N THR F 91 -10.35 20.86 41.88
CA THR F 91 -11.49 20.35 42.69
C THR F 91 -12.71 20.20 41.79
N ILE F 92 -13.42 19.08 41.88
CA ILE F 92 -14.53 18.75 40.94
C ILE F 92 -15.72 19.63 41.27
N GLU F 93 -16.23 20.32 40.24
CA GLU F 93 -17.53 21.02 40.24
C GLU F 93 -18.34 20.50 39.05
N SER F 94 -19.31 19.64 39.31
CA SER F 94 -20.22 19.06 38.28
C SER F 94 -21.16 20.14 37.73
N GLU F 95 -21.71 19.91 36.55
CA GLU F 95 -22.78 20.74 35.95
C GLU F 95 -23.51 19.89 34.92
N ASN F 96 -24.73 20.30 34.57
CA ASN F 96 -25.62 19.58 33.64
C ASN F 96 -24.94 19.51 32.28
N PRO F 97 -25.06 18.36 31.59
CA PRO F 97 -24.28 18.10 30.38
C PRO F 97 -24.88 18.79 29.15
N LYS F 98 -24.02 19.22 28.23
CA LYS F 98 -24.39 20.01 27.01
C LYS F 98 -23.96 19.28 25.73
N ILE F 99 -24.60 19.66 24.62
CA ILE F 99 -24.30 19.20 23.23
C ILE F 99 -24.60 20.36 22.29
N PRO F 100 -23.65 20.79 21.43
CA PRO F 100 -23.92 21.86 20.45
C PRO F 100 -25.25 21.69 19.71
N THR F 101 -25.99 22.78 19.52
CA THR F 101 -27.38 22.79 18.95
C THR F 101 -27.34 23.21 17.47
N HIS F 102 -28.48 23.73 16.97
CA HIS F 102 -28.68 24.52 15.71
C HIS F 102 -27.59 24.31 14.66
N THR F 103 -27.24 23.05 14.38
CA THR F 103 -26.20 22.65 13.41
C THR F 103 -26.86 21.84 12.28
N HIS F 104 -26.23 21.79 11.11
CA HIS F 104 -26.64 20.95 9.95
C HIS F 104 -25.83 19.67 9.97
N PRO F 105 -26.43 18.50 9.62
CA PRO F 105 -25.67 17.27 9.45
C PRO F 105 -24.44 17.49 8.56
N ILE F 106 -23.31 16.95 8.97
CA ILE F 106 -22.02 17.01 8.22
C ILE F 106 -22.15 16.20 6.93
N PRO F 107 -22.03 16.79 5.72
CA PRO F 107 -22.14 16.03 4.49
C PRO F 107 -20.92 15.12 4.19
N ILE F 108 -21.19 13.85 3.91
CA ILE F 108 -20.19 12.86 3.44
C ILE F 108 -20.15 12.95 1.91
N PHE F 109 -18.96 12.87 1.33
CA PHE F 109 -18.72 13.04 -0.12
C PHE F 109 -19.57 12.07 -0.95
N GLU F 110 -19.86 12.53 -2.16
CA GLU F 110 -20.48 11.75 -3.26
C GLU F 110 -19.96 10.30 -3.16
N ILE F 111 -18.64 10.14 -3.23
CA ILE F 111 -17.93 8.85 -3.48
C ILE F 111 -18.35 7.75 -2.50
N ALA F 112 -18.72 8.10 -1.26
CA ALA F 112 -19.06 7.13 -0.18
C ALA F 112 -20.35 6.37 -0.51
N SER F 113 -21.07 6.81 -1.55
CA SER F 113 -22.42 6.34 -1.91
C SER F 113 -22.41 5.65 -3.29
N SER F 114 -21.21 5.37 -3.82
CA SER F 114 -20.97 4.70 -5.13
C SER F 114 -20.80 3.19 -4.94
N GLU F 115 -21.19 2.40 -5.93
CA GLU F 115 -21.21 0.92 -5.87
C GLU F 115 -19.87 0.43 -5.32
N GLN F 116 -18.80 0.69 -6.06
CA GLN F 116 -17.43 0.26 -5.70
C GLN F 116 -17.17 0.57 -4.21
N THR F 117 -17.26 1.84 -3.82
CA THR F 117 -16.75 2.37 -2.52
C THR F 117 -17.61 1.90 -1.36
N CYS F 118 -18.92 2.08 -1.47
CA CYS F 118 -19.94 1.69 -0.46
C CYS F 118 -19.61 0.30 0.12
N LYS F 119 -19.24 -0.64 -0.77
CA LYS F 119 -19.00 -2.07 -0.46
C LYS F 119 -17.67 -2.25 0.28
N ASN F 120 -16.64 -1.47 -0.07
CA ASN F 120 -15.36 -1.40 0.68
C ASN F 120 -15.67 -1.03 2.12
N LEU F 121 -16.36 0.10 2.25
CA LEU F 121 -16.79 0.65 3.56
C LEU F 121 -17.60 -0.42 4.29
N LEU F 122 -18.43 -1.19 3.57
CA LEU F 122 -19.19 -2.32 4.17
C LEU F 122 -18.22 -3.32 4.81
N GLU F 123 -17.16 -3.72 4.14
CA GLU F 123 -16.20 -4.72 4.69
C GLU F 123 -15.53 -4.13 5.94
N LYS F 124 -15.15 -2.85 5.87
CA LYS F 124 -14.55 -2.12 7.00
C LYS F 124 -15.55 -2.08 8.15
N LEU F 125 -16.83 -1.76 7.86
CA LEU F 125 -17.91 -1.62 8.87
C LEU F 125 -18.04 -2.93 9.66
N ILE F 126 -18.31 -4.02 8.97
CA ILE F 126 -18.26 -5.41 9.52
C ILE F 126 -17.02 -5.55 10.41
N ARG F 127 -15.83 -5.30 9.88
CA ARG F 127 -14.56 -5.51 10.63
C ARG F 127 -14.55 -4.68 11.94
N PHE F 128 -15.06 -3.44 11.91
CA PHE F 128 -15.14 -2.56 13.11
C PHE F 128 -16.21 -3.09 14.07
N ILE F 129 -17.25 -3.75 13.58
CA ILE F 129 -18.30 -4.37 14.43
C ILE F 129 -17.68 -5.54 15.20
N ASP F 130 -16.86 -6.34 14.53
CA ASP F 130 -16.18 -7.54 15.09
C ASP F 130 -15.10 -7.11 16.09
N ARG F 131 -14.35 -6.08 15.72
CA ARG F 131 -13.34 -5.44 16.60
C ARG F 131 -14.06 -5.06 17.89
N ALA F 132 -15.13 -4.27 17.80
CA ALA F 132 -15.92 -3.78 18.95
C ALA F 132 -16.44 -4.99 19.73
N SER F 133 -16.91 -6.01 19.01
CA SER F 133 -17.40 -7.26 19.64
C SER F 133 -16.31 -7.89 20.51
N THR F 134 -15.07 -8.00 20.03
CA THR F 134 -13.97 -8.63 20.80
C THR F 134 -13.55 -7.65 21.91
N LYS F 135 -13.30 -6.38 21.57
CA LYS F 135 -12.73 -5.36 22.48
C LYS F 135 -13.61 -5.18 23.72
N TYR F 136 -14.90 -4.97 23.52
CA TYR F 136 -15.87 -4.69 24.61
C TYR F 136 -16.57 -5.99 25.06
N SER F 137 -16.09 -7.14 24.59
CA SER F 137 -16.62 -8.49 24.94
C SER F 137 -18.15 -8.55 24.78
N LEU F 138 -18.68 -8.17 23.60
CA LEU F 138 -20.13 -8.17 23.23
C LEU F 138 -20.47 -9.45 22.48
N PRO F 139 -21.78 -9.71 22.25
CA PRO F 139 -22.18 -10.69 21.23
C PRO F 139 -21.56 -10.40 19.85
N ASN F 140 -21.40 -11.48 19.06
CA ASN F 140 -20.70 -11.52 17.76
C ASN F 140 -21.72 -11.66 16.63
N ASP F 141 -22.98 -11.30 16.86
CA ASP F 141 -24.10 -11.54 15.92
C ASP F 141 -24.78 -10.21 15.55
N ALA F 142 -24.15 -9.07 15.85
CA ALA F 142 -24.67 -7.70 15.61
C ALA F 142 -24.99 -7.47 14.11
N ALA F 143 -23.98 -7.57 13.23
CA ALA F 143 -24.13 -7.41 11.76
C ALA F 143 -25.17 -8.40 11.23
N GLN F 144 -25.07 -9.67 11.64
CA GLN F 144 -26.10 -10.72 11.40
C GLN F 144 -27.50 -10.13 11.67
N ARG F 145 -27.82 -9.78 12.93
CA ARG F 145 -29.17 -9.34 13.37
C ARG F 145 -29.60 -8.09 12.60
N ILE F 146 -28.69 -7.17 12.33
CA ILE F 146 -29.05 -5.90 11.64
C ILE F 146 -29.52 -6.23 10.24
N GLU F 147 -28.74 -7.00 9.49
CA GLU F 147 -29.04 -7.28 8.08
C GLU F 147 -30.31 -8.14 8.01
N ASP F 148 -30.49 -9.07 8.95
CA ASP F 148 -31.71 -9.90 9.04
C ASP F 148 -32.95 -9.00 9.13
N ARG F 149 -32.93 -7.96 9.96
CA ARG F 149 -34.08 -7.03 10.08
C ARG F 149 -34.28 -6.33 8.73
N LEU F 150 -33.21 -5.82 8.15
CA LEU F 150 -33.26 -4.92 6.97
C LEU F 150 -33.81 -5.68 5.77
N LYS F 151 -33.46 -6.96 5.64
CA LYS F 151 -34.02 -7.87 4.61
C LYS F 151 -35.52 -8.06 4.88
N THR F 152 -35.88 -8.65 6.03
CA THR F 152 -37.26 -9.01 6.43
C THR F 152 -38.16 -7.78 6.32
N HIS F 153 -37.93 -6.75 7.13
CA HIS F 153 -38.78 -5.54 7.18
C HIS F 153 -38.20 -4.52 6.20
N ALA F 154 -38.84 -4.34 5.04
CA ALA F 154 -38.44 -3.35 3.99
C ALA F 154 -38.75 -1.93 4.46
N SER F 155 -38.71 -0.94 3.56
CA SER F 155 -39.06 0.50 3.82
C SER F 155 -39.20 1.27 2.51
N MET F 156 -40.28 2.04 2.36
CA MET F 156 -40.67 2.73 1.09
C MET F 156 -39.75 3.94 0.84
N ASP F 160 -39.96 5.21 -7.11
CA ASP F 160 -38.98 4.55 -6.20
C ASP F 160 -38.37 5.62 -5.29
N ASP F 161 -37.68 6.61 -5.89
CA ASP F 161 -36.85 7.68 -5.26
C ASP F 161 -35.52 7.09 -4.75
N LYS F 162 -35.18 5.85 -5.15
CA LYS F 162 -34.04 5.05 -4.60
C LYS F 162 -32.96 4.93 -5.65
N PRO F 163 -31.65 4.98 -5.28
CA PRO F 163 -30.56 4.57 -6.17
C PRO F 163 -30.57 3.04 -6.35
N THR F 164 -29.67 2.51 -7.19
CA THR F 164 -29.45 1.05 -7.38
C THR F 164 -28.63 0.49 -6.23
N ASN F 165 -28.08 1.36 -5.38
CA ASN F 165 -27.11 1.04 -4.31
C ASN F 165 -27.88 0.92 -2.97
N PHE F 166 -29.20 1.11 -3.00
CA PHE F 166 -30.02 1.35 -1.79
C PHE F 166 -29.71 0.33 -0.70
N HIS F 167 -29.88 -0.97 -0.98
CA HIS F 167 -29.76 -2.06 0.02
C HIS F 167 -28.48 -1.86 0.83
N ASP F 168 -27.38 -1.52 0.13
CA ASP F 168 -26.02 -1.40 0.71
C ASP F 168 -25.90 -0.09 1.48
N ILE F 169 -26.51 0.98 0.98
CA ILE F 169 -26.53 2.29 1.69
C ILE F 169 -27.31 2.13 2.99
N ARG F 170 -28.58 1.72 2.94
CA ARG F 170 -29.41 1.47 4.14
C ARG F 170 -28.57 0.74 5.19
N LEU F 171 -27.92 -0.34 4.77
CA LEU F 171 -27.18 -1.26 5.68
C LEU F 171 -25.95 -0.53 6.21
N SER F 172 -25.19 0.13 5.32
CA SER F 172 -23.99 0.93 5.62
C SER F 172 -24.31 1.94 6.72
N ASP F 173 -25.38 2.73 6.45
CA ASP F 173 -25.95 3.81 7.31
C ASP F 173 -26.25 3.29 8.72
N LEU F 174 -26.76 2.06 8.81
CA LEU F 174 -27.22 1.44 10.08
C LEU F 174 -26.05 0.76 10.79
N TYR F 175 -25.18 0.07 10.06
CA TYR F 175 -23.90 -0.45 10.60
C TYR F 175 -23.12 0.72 11.22
N ALA F 176 -23.19 1.88 10.53
CA ALA F 176 -22.56 3.14 10.95
C ALA F 176 -23.24 3.63 12.23
N GLU F 177 -24.57 3.64 12.23
CA GLU F 177 -25.40 4.09 13.38
C GLU F 177 -25.19 3.14 14.56
N TYR F 178 -25.02 1.83 14.32
CA TYR F 178 -24.74 0.84 15.40
C TYR F 178 -23.45 1.24 16.13
N LEU F 179 -22.45 1.67 15.37
CA LEU F 179 -21.11 2.00 15.89
C LEU F 179 -21.16 3.36 16.62
N ARG F 180 -22.03 4.27 16.20
CA ARG F 180 -22.25 5.56 16.92
C ARG F 180 -22.79 5.23 18.31
N GLN F 181 -23.76 4.31 18.42
CA GLN F 181 -24.60 4.13 19.64
C GLN F 181 -23.92 3.19 20.65
N VAL F 182 -23.18 2.21 20.14
CA VAL F 182 -22.68 1.05 20.94
C VAL F 182 -21.17 1.18 21.12
N ALA F 183 -20.43 1.15 20.03
CA ALA F 183 -18.96 1.28 20.04
C ALA F 183 -18.60 2.69 20.52
N THR F 184 -19.41 3.69 20.13
CA THR F 184 -19.11 5.14 20.17
C THR F 184 -17.87 5.40 19.31
N PHE F 185 -17.92 4.88 18.07
CA PHE F 185 -16.94 5.11 16.98
C PHE F 185 -17.61 5.92 15.87
N ASP F 186 -16.97 7.01 15.40
CA ASP F 186 -17.44 7.82 14.24
C ASP F 186 -16.72 7.30 12.99
N PHE F 187 -17.35 6.34 12.34
CA PHE F 187 -16.82 5.63 11.14
C PHE F 187 -16.30 6.67 10.13
N TRP F 188 -17.02 7.77 9.95
CA TRP F 188 -16.73 8.74 8.88
C TRP F 188 -15.42 9.49 9.15
N THR F 189 -14.94 9.55 10.41
CA THR F 189 -13.67 10.25 10.78
C THR F 189 -12.66 9.21 11.28
N SER F 190 -13.08 8.00 11.56
CA SER F 190 -12.26 6.92 12.21
C SER F 190 -11.79 7.35 13.59
N LYS F 191 -12.52 8.25 14.27
CA LYS F 191 -12.30 8.55 15.70
C LYS F 191 -13.16 7.64 16.58
N GLU F 192 -12.52 6.96 17.53
CA GLU F 192 -13.18 6.29 18.69
C GLU F 192 -13.37 7.35 19.76
N TYR F 193 -14.36 7.17 20.63
CA TYR F 193 -14.64 8.05 21.79
C TYR F 193 -14.94 7.16 22.99
N GLU F 194 -14.94 7.72 24.19
CA GLU F 194 -15.12 6.99 25.47
C GLU F 194 -16.62 6.93 25.82
N SER F 195 -17.44 7.83 25.28
CA SER F 195 -18.91 7.89 25.52
C SER F 195 -19.62 8.47 24.29
N LEU F 196 -20.95 8.34 24.27
CA LEU F 196 -21.82 8.94 23.23
C LEU F 196 -21.71 10.46 23.29
N ILE F 197 -21.88 11.06 24.47
CA ILE F 197 -21.85 12.54 24.62
C ILE F 197 -20.57 13.10 23.98
N ALA F 198 -19.42 12.43 24.16
CA ALA F 198 -18.10 12.85 23.63
C ALA F 198 -18.14 12.91 22.10
N LEU F 199 -18.64 11.84 21.47
CA LEU F 199 -18.78 11.69 20.00
C LEU F 199 -19.64 12.82 19.45
N LEU F 200 -20.79 13.07 20.09
CA LEU F 200 -21.83 14.01 19.62
C LEU F 200 -21.32 15.46 19.71
N GLN F 201 -20.25 15.71 20.46
CA GLN F 201 -19.56 17.02 20.48
C GLN F 201 -19.11 17.37 19.04
N ASP F 202 -18.68 16.38 18.26
CA ASP F 202 -18.05 16.56 16.93
C ASP F 202 -19.07 16.29 15.82
N SER F 203 -20.13 15.54 16.08
CA SER F 203 -21.17 15.22 15.07
C SER F 203 -22.56 15.23 15.72
N PRO F 204 -23.06 16.40 16.17
CA PRO F 204 -24.27 16.44 16.98
C PRO F 204 -25.55 16.30 16.16
N ALA F 205 -25.51 16.69 14.89
CA ALA F 205 -26.65 16.55 13.94
C ALA F 205 -26.46 15.27 13.13
N GLY F 206 -25.42 14.49 13.45
CA GLY F 206 -25.02 13.33 12.64
C GLY F 206 -24.50 13.78 11.30
N TYR F 207 -24.64 12.93 10.29
CA TYR F 207 -24.12 13.14 8.92
C TYR F 207 -25.26 12.99 7.92
N SER F 208 -25.15 13.69 6.78
CA SER F 208 -25.95 13.48 5.56
C SER F 208 -25.07 12.83 4.50
N ARG F 209 -25.68 12.36 3.42
CA ARG F 209 -24.99 11.76 2.24
C ARG F 209 -25.21 12.66 1.02
N LYS F 210 -24.15 13.06 0.32
CA LYS F 210 -24.24 13.67 -1.03
C LYS F 210 -24.54 12.55 -2.03
N LYS F 211 -25.53 12.75 -2.91
CA LYS F 211 -26.06 11.71 -3.84
C LYS F 211 -25.06 11.50 -4.97
N PHE F 212 -24.84 10.24 -5.36
CA PHE F 212 -23.86 9.84 -6.41
C PHE F 212 -24.49 9.98 -7.79
N ASN F 213 -23.87 10.76 -8.69
CA ASN F 213 -24.39 11.02 -10.07
C ASN F 213 -23.73 10.02 -11.02
N PRO F 214 -24.49 9.06 -11.60
CA PRO F 214 -23.93 8.16 -12.61
C PRO F 214 -23.30 8.90 -13.81
N SER F 215 -23.75 10.14 -14.08
CA SER F 215 -23.26 10.99 -15.19
C SER F 215 -21.89 11.60 -14.83
N LYS F 216 -21.74 12.17 -13.63
CA LYS F 216 -20.52 12.89 -13.18
C LYS F 216 -19.49 11.88 -12.61
N GLU F 217 -19.54 10.62 -13.06
CA GLU F 217 -18.70 9.49 -12.56
C GLU F 217 -17.24 9.68 -12.99
N VAL F 218 -16.98 10.29 -14.15
CA VAL F 218 -15.60 10.57 -14.65
C VAL F 218 -14.90 9.23 -14.92
N GLN F 220 -12.36 6.35 -14.02
CA GLN F 220 -11.19 5.98 -13.20
C GLN F 220 -10.25 5.00 -13.95
N GLU F 221 -10.47 4.74 -15.24
CA GLU F 221 -9.56 3.86 -16.02
C GLU F 221 -8.13 4.36 -15.86
N GLU F 222 -7.94 5.68 -16.04
CA GLU F 222 -6.62 6.37 -15.98
C GLU F 222 -5.94 6.08 -14.66
N ASN F 223 -6.71 6.03 -13.58
CA ASN F 223 -6.15 5.88 -12.21
C ASN F 223 -5.84 4.41 -11.97
N ILE F 224 -6.61 3.49 -12.57
CA ILE F 224 -6.29 2.04 -12.57
C ILE F 224 -4.96 1.85 -13.31
N TRP F 225 -4.93 2.26 -14.56
CA TRP F 225 -3.70 2.18 -15.39
C TRP F 225 -2.48 2.66 -14.59
N LEU F 226 -2.56 3.86 -14.04
CA LEU F 226 -1.44 4.47 -13.26
C LEU F 226 -1.12 3.53 -12.10
N SER F 227 -2.14 3.19 -11.31
CA SER F 227 -2.06 2.32 -10.10
C SER F 227 -1.28 1.05 -10.45
N ASP F 228 -1.74 0.32 -11.47
CA ASP F 228 -1.15 -0.97 -11.91
C ASP F 228 0.31 -0.70 -12.31
N LEU F 229 0.54 0.42 -13.01
CA LEU F 229 1.88 0.76 -13.52
C LEU F 229 2.81 0.99 -12.33
N GLU F 230 2.40 1.81 -11.37
CA GLU F 230 3.22 2.10 -10.18
C GLU F 230 3.45 0.79 -9.41
N ASN F 231 2.48 -0.13 -9.43
CA ASN F 231 2.59 -1.43 -8.72
C ASN F 231 3.67 -2.27 -9.41
N ASN F 232 3.67 -2.29 -10.75
CA ASN F 232 4.73 -2.93 -11.57
C ASN F 232 6.11 -2.36 -11.18
N PHE F 233 6.27 -1.04 -11.22
CA PHE F 233 7.57 -0.41 -10.87
C PHE F 233 8.07 -0.96 -9.53
N ALA F 234 7.19 -1.08 -8.53
CA ALA F 234 7.51 -1.56 -7.17
C ALA F 234 8.12 -2.96 -7.25
N CYS F 235 7.56 -3.84 -8.09
CA CYS F 235 8.07 -5.22 -8.27
C CYS F 235 9.54 -5.20 -8.66
N LEU F 236 9.97 -4.19 -9.42
CA LEU F 236 11.35 -4.06 -9.94
C LEU F 236 12.25 -3.30 -8.96
N LEU F 237 11.73 -2.26 -8.31
CA LEU F 237 12.50 -1.28 -7.48
C LEU F 237 12.47 -1.68 -5.99
N GLU F 238 11.40 -2.31 -5.49
CA GLU F 238 11.23 -2.61 -4.03
C GLU F 238 10.58 -3.98 -3.85
N PRO F 239 11.02 -5.04 -4.56
CA PRO F 239 10.38 -6.34 -4.45
C PRO F 239 10.18 -6.74 -2.97
N GLU F 240 11.17 -6.44 -2.12
CA GLU F 240 11.17 -6.76 -0.66
C GLU F 240 10.00 -6.09 0.06
N ASN F 241 9.43 -5.01 -0.50
CA ASN F 241 8.32 -4.23 0.13
C ASN F 241 6.98 -4.59 -0.51
N VAL F 242 6.96 -5.51 -1.48
CA VAL F 242 5.72 -5.81 -2.25
C VAL F 242 5.00 -6.96 -1.52
N ASP F 243 3.67 -6.96 -1.53
CA ASP F 243 2.83 -8.00 -0.88
C ASP F 243 2.85 -9.23 -1.80
N ILE F 244 3.83 -10.11 -1.59
CA ILE F 244 3.93 -11.41 -2.30
C ILE F 244 2.65 -12.22 -2.06
N LYS F 245 2.21 -12.41 -0.80
CA LYS F 245 0.99 -13.20 -0.50
C LYS F 245 -0.18 -12.70 -1.37
N ALA F 246 -0.41 -11.38 -1.45
CA ALA F 246 -1.52 -10.77 -2.23
C ALA F 246 -1.48 -11.27 -3.69
N LYS F 247 -0.29 -11.58 -4.22
CA LYS F 247 -0.04 -11.99 -5.63
C LYS F 247 -0.03 -13.52 -5.78
N GLY F 248 -0.32 -14.26 -4.71
CA GLY F 248 -0.49 -15.73 -4.72
C GLY F 248 0.84 -16.46 -4.79
N ALA F 249 1.86 -15.92 -4.09
CA ALA F 249 3.19 -16.52 -3.91
C ALA F 249 3.57 -16.49 -2.42
N LEU F 250 4.69 -17.12 -2.05
CA LEU F 250 5.19 -17.17 -0.66
C LEU F 250 6.71 -17.15 -0.66
N PRO F 251 7.35 -16.70 0.44
CA PRO F 251 8.79 -16.82 0.59
C PRO F 251 9.14 -18.31 0.55
N VAL F 252 10.20 -18.67 -0.17
CA VAL F 252 10.56 -20.08 -0.46
C VAL F 252 10.32 -20.93 0.79
N GLU F 253 11.02 -20.64 1.87
CA GLU F 253 10.95 -21.37 3.17
C GLU F 253 9.48 -21.62 3.53
N ASP F 254 8.64 -20.58 3.49
CA ASP F 254 7.22 -20.61 3.93
C ASP F 254 6.43 -21.54 3.01
N PHE F 255 6.54 -21.34 1.70
CA PHE F 255 5.93 -22.21 0.69
C PHE F 255 6.21 -23.66 1.07
N ILE F 256 7.49 -24.02 1.27
CA ILE F 256 7.96 -25.42 1.47
C ILE F 256 7.33 -25.97 2.77
N ASN F 257 7.24 -25.17 3.82
CA ASN F 257 6.62 -25.59 5.11
C ASN F 257 5.13 -25.89 4.89
N ASN F 258 4.44 -25.09 4.06
CA ASN F 258 2.99 -25.24 3.80
C ASN F 258 2.72 -26.52 2.99
N GLU F 259 3.70 -26.97 2.21
CA GLU F 259 3.62 -28.25 1.46
C GLU F 259 3.72 -29.41 2.45
N LEU F 260 4.58 -29.30 3.46
CA LEU F 260 4.83 -30.37 4.45
C LEU F 260 3.61 -30.50 5.36
N ASP F 261 3.04 -29.39 5.82
CA ASP F 261 1.81 -29.38 6.66
C ASP F 261 0.64 -30.03 5.90
N SER F 262 0.56 -29.81 4.58
CA SER F 262 -0.55 -30.32 3.73
C SER F 262 -0.45 -31.84 3.55
N VAL F 263 0.77 -32.35 3.41
CA VAL F 263 1.01 -33.77 3.03
C VAL F 263 1.08 -34.64 4.28
N ILE F 264 1.34 -34.06 5.45
CA ILE F 264 1.37 -34.80 6.75
C ILE F 264 -0.02 -34.68 7.40
N MET F 265 -1.01 -35.41 6.88
CA MET F 265 -2.42 -35.36 7.34
C MET F 265 -2.60 -36.19 8.63
N LYS F 266 -3.26 -35.59 9.64
CA LYS F 266 -3.52 -36.16 10.99
C LYS F 266 -4.77 -37.06 10.95
N GLU F 267 -4.58 -38.36 11.15
CA GLU F 267 -5.64 -39.40 11.15
C GLU F 267 -6.25 -39.51 12.56
N ASP F 268 -5.42 -39.42 13.62
CA ASP F 268 -5.84 -39.52 15.05
C ASP F 268 -4.89 -38.67 15.92
N GLU F 269 -5.16 -38.59 17.23
CA GLU F 269 -4.42 -37.78 18.23
C GLU F 269 -2.92 -38.10 18.16
N GLN F 270 -2.58 -39.36 17.90
CA GLN F 270 -1.19 -39.85 17.82
C GLN F 270 -1.05 -40.79 16.60
N LYS F 271 -1.60 -40.36 15.46
CA LYS F 271 -1.53 -41.06 14.16
C LYS F 271 -1.51 -39.99 13.06
N TYR F 272 -0.42 -39.91 12.29
CA TYR F 272 -0.17 -38.89 11.22
C TYR F 272 0.35 -39.59 9.95
N ARG F 273 -0.43 -39.55 8.86
CA ARG F 273 -0.14 -40.31 7.62
C ARG F 273 0.55 -39.40 6.58
N CYS F 274 1.38 -40.01 5.73
CA CYS F 274 2.02 -39.40 4.53
C CYS F 274 1.04 -39.46 3.35
N HIS F 275 0.87 -38.33 2.68
CA HIS F 275 0.04 -38.17 1.45
C HIS F 275 0.90 -37.53 0.36
N VAL F 276 2.09 -38.09 0.11
CA VAL F 276 3.00 -37.66 -0.98
C VAL F 276 3.04 -38.81 -1.99
N GLY F 277 2.61 -38.55 -3.23
CA GLY F 277 2.32 -39.58 -4.23
C GLY F 277 1.35 -40.61 -3.69
N THR F 278 1.49 -41.86 -4.14
CA THR F 278 0.59 -43.01 -3.81
C THR F 278 0.81 -43.41 -2.34
N CYS F 279 1.91 -42.96 -1.73
CA CYS F 279 2.31 -43.23 -0.32
C CYS F 279 1.13 -42.94 0.62
N ALA F 280 0.74 -43.93 1.43
CA ALA F 280 -0.28 -43.80 2.50
C ALA F 280 0.23 -44.47 3.80
N LYS F 281 1.55 -44.43 4.05
CA LYS F 281 2.23 -45.03 5.24
C LYS F 281 2.03 -44.16 6.47
N LEU F 282 1.60 -44.76 7.59
CA LEU F 282 1.21 -44.02 8.83
C LEU F 282 2.43 -43.82 9.74
N PHE F 283 2.33 -42.88 10.69
CA PHE F 283 3.35 -42.56 11.72
C PHE F 283 2.66 -42.03 12.99
N LEU F 284 3.32 -42.20 14.13
CA LEU F 284 2.73 -41.99 15.47
C LEU F 284 3.09 -40.57 15.96
N GLY F 285 3.35 -39.66 15.02
CA GLY F 285 3.72 -38.26 15.32
C GLY F 285 3.90 -37.46 14.03
N PRO F 286 3.67 -36.13 14.04
CA PRO F 286 3.76 -35.32 12.82
C PRO F 286 5.20 -35.28 12.28
N GLU F 287 6.19 -35.17 13.16
CA GLU F 287 7.61 -34.97 12.77
C GLU F 287 8.24 -36.30 12.32
N PHE F 288 7.59 -37.42 12.62
CA PHE F 288 7.99 -38.79 12.16
C PHE F 288 7.80 -38.95 10.66
N VAL F 289 6.82 -38.22 10.09
CA VAL F 289 6.49 -38.23 8.64
C VAL F 289 7.47 -37.29 7.91
N ARG F 290 7.90 -36.22 8.60
CA ARG F 290 8.74 -35.13 8.03
C ARG F 290 10.12 -35.67 7.67
N LYS F 291 10.59 -36.68 8.41
CA LYS F 291 11.87 -37.38 8.16
C LYS F 291 11.70 -38.22 6.88
N HIS F 292 10.63 -39.00 6.83
CA HIS F 292 10.26 -39.92 5.71
C HIS F 292 10.41 -39.21 4.37
N ILE F 293 9.76 -38.04 4.24
CA ILE F 293 9.68 -37.21 3.00
C ILE F 293 11.09 -36.82 2.57
N ASN F 294 11.98 -36.55 3.54
CA ASN F 294 13.38 -36.14 3.28
C ASN F 294 14.14 -37.28 2.61
N LYS F 295 13.87 -38.52 3.04
CA LYS F 295 14.58 -39.75 2.60
C LYS F 295 14.05 -40.23 1.25
N LYS F 296 12.77 -40.62 1.20
CA LYS F 296 12.14 -41.30 0.04
C LYS F 296 11.81 -40.28 -1.05
N HIS F 297 10.98 -39.28 -0.72
CA HIS F 297 10.38 -38.32 -1.69
C HIS F 297 11.30 -37.12 -1.89
N LYS F 298 12.61 -37.33 -2.05
CA LYS F 298 13.58 -36.26 -2.43
C LYS F 298 13.09 -35.59 -3.71
N ASP F 299 12.94 -36.37 -4.79
CA ASP F 299 12.45 -35.91 -6.11
C ASP F 299 11.34 -34.88 -5.90
N TRP F 300 10.30 -35.27 -5.17
CA TRP F 300 9.12 -34.42 -4.91
C TRP F 300 9.52 -33.14 -4.19
N LEU F 301 10.46 -33.22 -3.24
CA LEU F 301 10.86 -32.05 -2.43
C LEU F 301 11.63 -31.07 -3.30
N ASP F 302 12.60 -31.54 -4.09
CA ASP F 302 13.32 -30.72 -5.11
C ASP F 302 12.27 -29.92 -5.89
N HIS F 303 11.29 -30.62 -6.49
CA HIS F 303 10.23 -30.01 -7.34
C HIS F 303 9.58 -28.84 -6.61
N ILE F 304 9.09 -29.09 -5.39
CA ILE F 304 8.44 -28.06 -4.53
C ILE F 304 9.39 -26.88 -4.33
N LYS F 305 10.65 -27.17 -4.02
CA LYS F 305 11.71 -26.16 -3.80
C LYS F 305 11.77 -25.25 -5.04
N LYS F 306 11.84 -25.87 -6.23
CA LYS F 306 11.98 -25.21 -7.56
C LYS F 306 10.75 -24.34 -7.82
N VAL F 307 9.57 -24.92 -7.64
CA VAL F 307 8.26 -24.24 -7.86
C VAL F 307 8.18 -23.03 -6.94
N ALA F 308 8.60 -23.19 -5.68
CA ALA F 308 8.50 -22.12 -4.66
C ALA F 308 9.26 -20.89 -5.16
N ILE F 309 10.48 -21.12 -5.66
CA ILE F 309 11.43 -20.07 -6.14
C ILE F 309 10.84 -19.43 -7.39
N CYS F 310 10.56 -20.25 -8.40
CA CYS F 310 10.03 -19.77 -9.70
C CYS F 310 8.75 -18.97 -9.49
N LEU F 311 7.88 -19.42 -8.58
CA LEU F 311 6.58 -18.76 -8.30
C LEU F 311 6.87 -17.36 -7.74
N TYR F 312 7.84 -17.25 -6.86
CA TYR F 312 8.27 -15.96 -6.29
C TYR F 312 8.75 -15.05 -7.45
N GLY F 313 9.65 -15.56 -8.29
CA GLY F 313 10.20 -14.81 -9.45
C GLY F 313 9.09 -14.33 -10.36
N TYR F 314 8.13 -15.22 -10.68
CA TYR F 314 7.06 -15.07 -11.71
C TYR F 314 6.19 -13.86 -11.38
N VAL F 315 5.65 -13.83 -10.16
CA VAL F 315 4.66 -12.83 -9.70
C VAL F 315 5.32 -11.46 -9.71
N LEU F 316 6.62 -11.38 -9.40
CA LEU F 316 7.38 -10.10 -9.40
C LEU F 316 7.79 -9.69 -10.83
N ASP F 317 7.25 -10.32 -11.88
CA ASP F 317 7.63 -9.97 -13.27
C ASP F 317 6.48 -9.22 -13.96
N PRO F 318 6.56 -7.88 -14.06
CA PRO F 318 5.46 -7.06 -14.57
C PRO F 318 4.78 -7.57 -15.84
N CYS F 319 5.58 -8.06 -16.75
CA CYS F 319 5.17 -8.46 -18.11
C CYS F 319 5.66 -9.90 -18.37
N ARG F 320 5.45 -10.76 -17.37
CA ARG F 320 5.65 -12.23 -17.47
C ARG F 320 4.76 -12.78 -18.58
N ALA F 321 5.07 -13.98 -19.04
CA ALA F 321 4.14 -14.78 -19.85
C ALA F 321 2.96 -15.12 -18.93
N MET F 322 1.76 -15.23 -19.50
CA MET F 322 0.53 -15.48 -18.71
C MET F 322 -0.32 -16.57 -19.35
N ASP F 323 -1.01 -17.36 -18.53
CA ASP F 323 -1.97 -18.40 -18.94
C ASP F 323 -2.97 -17.77 -19.92
N PRO F 324 -3.09 -18.25 -21.17
CA PRO F 324 -4.08 -17.73 -22.11
C PRO F 324 -5.51 -17.57 -21.53
N LYS F 325 -5.90 -18.54 -20.69
CA LYS F 325 -7.27 -18.67 -20.13
C LYS F 325 -7.61 -17.47 -19.25
N VAL F 326 -6.60 -16.75 -18.72
CA VAL F 326 -6.81 -15.59 -17.79
C VAL F 326 -6.77 -14.27 -18.57
N VAL F 327 -6.99 -14.29 -19.88
CA VAL F 327 -7.29 -13.08 -20.71
C VAL F 327 -8.56 -13.37 -21.52
N SER F 328 -9.45 -12.37 -21.62
CA SER F 328 -10.80 -12.45 -22.23
C SER F 328 -11.11 -13.89 -22.70
#